data_1S5G
#
_entry.id   1S5G
#
_cell.length_a   84.051
_cell.length_b   50.935
_cell.length_c   161.590
_cell.angle_alpha   90.00
_cell.angle_beta   98.36
_cell.angle_gamma   90.00
#
_symmetry.space_group_name_H-M   'P 1 21 1'
#
loop_
_entity.id
_entity.type
_entity.pdbx_description
1 polymer 'Myosin heavy chain, striated muscle'
2 polymer 'Myosin regulatory light chain, striated adductor muscle'
3 polymer 'Myosin essential light chain, striated adductor muscle'
4 non-polymer 'SULFATE ION'
5 non-polymer "ADENOSINE-5'-DIPHOSPHATE"
6 non-polymer 'MAGNESIUM ION'
7 non-polymer 'CALCIUM ION'
8 water water
#
loop_
_entity_poly.entity_id
_entity_poly.type
_entity_poly.pdbx_seq_one_letter_code
_entity_poly.pdbx_strand_id
1 'polypeptide(L)'
;MNIDFSDPDFQYLAVDRKKLMKEQTAAFDGKKNCWVPDEKEGFASAEIQSSKGDEITVKIVADSSTRTVKKDDIQSMNPP
KFEKLEDMANMTYLNEASVLYNLRSRYTSGLIYTYSGLFCIAVNPYRRLPIYTDSVIAKYRGKRKTEIPPHLFSVADNAY
QNMVTDRENQSCLITGESGAGKTENTKKVIMYLAKVACAVKKKDEEASDKKEGSLEDQIIQANPVLEAYGNAKTTRNNNS
SRFGKFIRIHFGPTGKIAGADIETYLLEKSRVTYQQSAERNYHIFYQICSNAIPELNDVMLVTPDSGLYSFINQGCLTVD
NIDDVEEFKLCDEAFDILGFTKEEKQSMFKCTASILHMGEMKFKQRPREEQAESDGTAEAEKVAFLCGINAGDLLKALLK
PKVKVGTEMVTKGQNMNQVVNSVGALAKSLYDRMFNWLVRRVNKTLDTKAKRNYYIGVLDIAGFEIFDFNSFEQLCINYT
NERLQQFFNHHMFILEQEEYKKEGIAWEFIDFGMDLQMCIDLIEKPMGILSILEEECMFPKADDKSFQDKLYQNHMGKNR
MFTKPGKPTRPNQGPAHFELHHYAGNVPYSITGWLEKNKDPINENVVALLGASKEPLVAELFKAPEEPAGGGKKKKGKSS
AFQTISAVHRESLNKLMKNLYSTHPHFVRCIIPNELKQPGLVDAELVLHQLQCNGVLEGIRICRKGFPSRLIYSEFKQRY
SILAPNAIPQGFVDGKTVSEKILAGLQMDPAEYRLGTTKVFFKAGVLGNLEEMRDERLSKIISMFQAHIRGYLIRKAYKK
LQDQRIGLSVIQRNIRKWLVLRNWQWWKLYSKVKPLLSIA
;
A
2 'polypeptide(L)'
;ADKAASGVLTKLPQKQIQEMKEAFSMIDVDRDGFVSKEDIKAISEQLGRAPDDKELTAMLKEAPGPLNFTMFLSIFSDKL
SGTDSEETIRNAFAMFDEQETKKLNIEYIKDLLENMGDNFNKDEMRMTFKEAPVEGGKFDYVKFTAMIKGSGEEEA
;
Y
3 'polypeptide(L)'
;PKLSQDEIDDLKDVFELFDFWDGRDGAVDAFKLGDVCRCLGINPRNEDVFAVGGTHKMGEKSLPFEEFLPAYEGLMDCEQ
GTFADYMEAFKTFDREGQGFISGAELRHVLTALGERLSDEDVDEIIKLTDLQEDLEGNVKYEDFVKKVMAGPYPDK
;
Z
#
loop_
_chem_comp.id
_chem_comp.type
_chem_comp.name
_chem_comp.formula
ADP non-polymer ADENOSINE-5'-DIPHOSPHATE 'C10 H15 N5 O10 P2'
CA non-polymer 'CALCIUM ION' 'Ca 2'
MG non-polymer 'MAGNESIUM ION' 'Mg 2'
SO4 non-polymer 'SULFATE ION' 'O4 S -2'
#
# COMPACT_ATOMS: atom_id res chain seq x y z
N ILE A 3 22.22 -10.50 6.26
CA ILE A 3 21.64 -9.15 6.00
C ILE A 3 21.68 -8.92 4.48
N ASP A 4 21.44 -7.69 4.03
CA ASP A 4 21.49 -7.40 2.59
C ASP A 4 21.78 -5.94 2.26
N PHE A 5 22.44 -5.71 1.13
CA PHE A 5 22.79 -4.35 0.75
C PHE A 5 22.70 -3.93 -0.73
N SER A 6 23.78 -4.13 -1.49
CA SER A 6 23.85 -3.75 -2.89
C SER A 6 24.21 -4.93 -3.78
N ASP A 7 24.46 -6.07 -3.13
CA ASP A 7 24.84 -7.30 -3.82
C ASP A 7 24.07 -7.54 -5.12
N PRO A 8 24.81 -7.75 -6.23
CA PRO A 8 24.19 -8.00 -7.53
C PRO A 8 23.07 -9.04 -7.56
N ASP A 9 23.28 -10.18 -6.89
CA ASP A 9 22.26 -11.23 -6.89
C ASP A 9 20.88 -10.73 -6.44
N PHE A 10 20.86 -9.72 -5.57
CA PHE A 10 19.60 -9.16 -5.10
C PHE A 10 19.06 -8.09 -6.04
N GLN A 11 19.42 -8.15 -7.32
CA GLN A 11 18.94 -7.13 -8.24
C GLN A 11 17.44 -7.26 -8.47
N TYR A 12 16.97 -8.46 -8.75
CA TYR A 12 15.56 -8.69 -8.98
C TYR A 12 14.85 -9.28 -7.78
N LEU A 13 15.38 -8.98 -6.59
CA LEU A 13 14.78 -9.49 -5.35
C LEU A 13 14.42 -8.34 -4.43
N ALA A 14 15.39 -7.47 -4.17
CA ALA A 14 15.16 -6.31 -3.33
C ALA A 14 15.16 -5.10 -4.26
N VAL A 15 14.85 -3.94 -3.72
CA VAL A 15 14.84 -2.72 -4.51
C VAL A 15 15.40 -1.63 -3.60
N ASP A 16 15.74 -0.48 -4.17
CA ASP A 16 16.29 0.62 -3.37
C ASP A 16 15.31 1.15 -2.33
N ARG A 17 15.49 0.69 -1.09
CA ARG A 17 14.64 1.12 0.01
C ARG A 17 14.78 2.63 0.21
N LYS A 18 15.87 3.17 -0.36
CA LYS A 18 16.14 4.59 -0.28
C LYS A 18 15.50 5.32 -1.46
N LYS A 19 15.40 4.62 -2.59
CA LYS A 19 14.79 5.19 -3.79
C LYS A 19 13.28 5.15 -3.64
N LEU A 20 12.80 4.16 -2.89
CA LEU A 20 11.37 4.02 -2.64
C LEU A 20 11.06 5.03 -1.55
N MET A 21 12.13 5.61 -0.99
CA MET A 21 12.03 6.59 0.08
C MET A 21 11.90 8.03 -0.43
N LYS A 22 12.30 8.27 -1.67
CA LYS A 22 12.23 9.61 -2.24
C LYS A 22 10.79 10.02 -2.51
N PHE A 28 0.28 12.52 2.01
CA PHE A 28 -0.66 11.41 2.05
C PHE A 28 -1.63 11.58 3.22
N ASP A 29 -2.91 11.77 2.93
CA ASP A 29 -3.93 11.94 3.96
C ASP A 29 -4.85 10.73 4.04
N GLY A 30 -4.78 10.02 5.17
CA GLY A 30 -5.61 8.85 5.35
C GLY A 30 -7.10 9.09 5.13
N LYS A 31 -7.57 10.26 5.57
CA LYS A 31 -8.98 10.61 5.43
C LYS A 31 -9.43 10.83 3.98
N LYS A 32 -8.53 11.31 3.14
CA LYS A 32 -8.87 11.58 1.74
C LYS A 32 -8.38 10.57 0.71
N ASN A 33 -7.29 9.88 1.01
CA ASN A 33 -6.73 8.89 0.09
C ASN A 33 -7.40 7.53 0.24
N CYS A 34 -7.70 6.88 -0.88
CA CYS A 34 -8.38 5.58 -0.86
C CYS A 34 -8.44 4.91 -2.22
N TRP A 35 -8.94 3.67 -2.23
CA TRP A 35 -9.08 2.91 -3.47
C TRP A 35 -10.53 2.95 -3.93
N VAL A 36 -10.72 3.04 -5.24
CA VAL A 36 -12.05 3.08 -5.83
C VAL A 36 -12.12 2.04 -6.94
N PRO A 37 -13.31 1.47 -7.18
CA PRO A 37 -13.36 0.47 -8.24
C PRO A 37 -13.29 1.12 -9.63
N ASP A 38 -12.38 0.65 -10.47
CA ASP A 38 -12.27 1.16 -11.83
C ASP A 38 -12.43 -0.04 -12.74
N GLU A 39 -13.23 0.12 -13.80
CA GLU A 39 -13.48 -0.99 -14.71
C GLU A 39 -12.26 -1.50 -15.47
N LYS A 40 -11.29 -0.64 -15.77
CA LYS A 40 -10.11 -1.09 -16.50
C LYS A 40 -8.91 -1.45 -15.60
N GLU A 41 -8.83 -0.86 -14.41
CA GLU A 41 -7.72 -1.13 -13.51
C GLU A 41 -8.07 -1.81 -12.19
N GLY A 42 -9.23 -2.44 -12.12
CA GLY A 42 -9.63 -3.09 -10.87
C GLY A 42 -10.03 -1.97 -9.93
N PHE A 43 -9.04 -1.33 -9.30
CA PHE A 43 -9.29 -0.22 -8.42
C PHE A 43 -8.56 1.02 -8.92
N ALA A 44 -8.64 2.10 -8.16
CA ALA A 44 -7.99 3.34 -8.54
C ALA A 44 -7.69 4.18 -7.32
N SER A 45 -6.62 4.97 -7.43
CA SER A 45 -6.24 5.87 -6.36
C SER A 45 -7.21 7.04 -6.45
N ALA A 46 -7.68 7.53 -5.30
CA ALA A 46 -8.63 8.64 -5.30
C ALA A 46 -8.55 9.49 -4.05
N GLU A 47 -8.83 10.78 -4.22
CA GLU A 47 -8.86 11.73 -3.13
C GLU A 47 -10.30 12.16 -2.95
N ILE A 48 -10.86 11.82 -1.81
CA ILE A 48 -12.24 12.15 -1.50
C ILE A 48 -12.52 13.64 -1.59
N GLN A 49 -13.66 13.97 -2.17
CA GLN A 49 -14.07 15.36 -2.31
C GLN A 49 -15.09 15.63 -1.21
N SER A 50 -16.34 15.28 -1.48
CA SER A 50 -17.42 15.48 -0.52
C SER A 50 -18.10 14.17 -0.16
N SER A 51 -19.22 14.30 0.53
CA SER A 51 -20.02 13.17 0.96
C SER A 51 -21.46 13.61 1.10
N LYS A 52 -22.39 12.71 0.81
CA LYS A 52 -23.80 13.00 0.95
C LYS A 52 -24.52 11.72 1.40
N GLY A 53 -23.99 11.13 2.47
CA GLY A 53 -24.55 9.91 3.03
C GLY A 53 -23.75 8.67 2.70
N ASP A 54 -24.06 8.08 1.56
CA ASP A 54 -23.40 6.90 1.05
C ASP A 54 -22.81 7.39 -0.25
N GLU A 55 -23.20 8.61 -0.60
CA GLU A 55 -22.78 9.28 -1.81
C GLU A 55 -21.48 10.07 -1.60
N ILE A 56 -20.36 9.38 -1.78
CA ILE A 56 -19.05 10.01 -1.65
C ILE A 56 -18.52 10.26 -3.05
N THR A 57 -18.07 11.48 -3.29
CA THR A 57 -17.53 11.87 -4.58
C THR A 57 -16.03 12.06 -4.42
N VAL A 58 -15.26 11.69 -5.43
CA VAL A 58 -13.80 11.83 -5.32
C VAL A 58 -13.09 12.25 -6.61
N LYS A 59 -11.77 12.39 -6.50
CA LYS A 59 -10.93 12.76 -7.63
C LYS A 59 -9.91 11.64 -7.87
N ILE A 60 -9.70 11.32 -9.15
CA ILE A 60 -8.78 10.27 -9.54
C ILE A 60 -7.45 10.90 -10.01
N VAL A 61 -6.39 10.70 -9.22
CA VAL A 61 -5.08 11.26 -9.54
C VAL A 61 -4.64 11.19 -11.00
N ALA A 62 -4.84 10.03 -11.64
CA ALA A 62 -4.43 9.85 -13.04
C ALA A 62 -5.12 10.75 -14.06
N ASP A 63 -6.44 10.84 -14.02
CA ASP A 63 -7.14 11.70 -14.99
C ASP A 63 -7.77 12.96 -14.38
N SER A 64 -7.72 13.06 -13.06
CA SER A 64 -8.24 14.23 -12.34
C SER A 64 -9.76 14.41 -12.33
N SER A 65 -10.47 13.48 -12.94
CA SER A 65 -11.93 13.53 -13.04
C SER A 65 -12.70 13.44 -11.72
N THR A 66 -13.93 12.96 -11.83
CA THR A 66 -14.84 12.78 -10.69
C THR A 66 -15.86 11.68 -11.01
N ARG A 67 -16.30 11.00 -9.97
CA ARG A 67 -17.31 9.93 -10.06
C ARG A 67 -17.84 9.79 -8.65
N THR A 68 -19.08 9.36 -8.49
CA THR A 68 -19.64 9.18 -7.16
C THR A 68 -19.61 7.70 -6.82
N VAL A 69 -19.21 7.37 -5.59
CA VAL A 69 -19.11 5.98 -5.17
C VAL A 69 -19.63 5.68 -3.77
N LYS A 70 -20.47 4.66 -3.66
CA LYS A 70 -21.04 4.26 -2.37
C LYS A 70 -19.91 4.06 -1.36
N LYS A 71 -20.03 4.71 -0.20
CA LYS A 71 -19.01 4.62 0.85
C LYS A 71 -18.47 3.21 1.05
N ASP A 72 -19.34 2.26 1.29
CA ASP A 72 -18.90 0.88 1.50
C ASP A 72 -18.08 0.36 0.32
N ASP A 73 -18.25 0.97 -0.86
CA ASP A 73 -17.51 0.59 -2.06
C ASP A 73 -16.05 0.96 -1.90
N ILE A 74 -15.81 2.02 -1.15
CA ILE A 74 -14.46 2.54 -0.92
C ILE A 74 -13.57 1.64 -0.08
N GLN A 75 -12.33 1.47 -0.52
CA GLN A 75 -11.37 0.64 0.21
C GLN A 75 -10.19 1.45 0.71
N SER A 76 -9.78 1.14 1.94
CA SER A 76 -8.66 1.81 2.59
C SER A 76 -7.35 1.70 1.83
N MET A 77 -6.61 2.80 1.80
CA MET A 77 -5.32 2.84 1.13
C MET A 77 -4.18 2.81 2.13
N ASN A 78 -3.07 2.19 1.76
CA ASN A 78 -1.91 2.12 2.65
C ASN A 78 -0.96 3.27 2.43
N PRO A 79 -0.25 3.67 3.50
CA PRO A 79 0.72 4.78 3.45
C PRO A 79 1.86 4.37 2.53
N PRO A 80 2.62 5.33 2.00
CA PRO A 80 3.74 5.00 1.11
C PRO A 80 4.71 4.11 1.88
N LYS A 81 4.68 4.28 3.20
CA LYS A 81 5.51 3.53 4.13
C LYS A 81 5.46 2.03 3.82
N PHE A 82 4.42 1.60 3.10
CA PHE A 82 4.27 0.19 2.74
C PHE A 82 4.29 -0.08 1.25
N GLU A 83 5.24 0.51 0.53
CA GLU A 83 5.33 0.27 -0.90
C GLU A 83 6.18 -0.97 -1.11
N LYS A 84 5.79 -1.81 -2.05
CA LYS A 84 6.51 -3.04 -2.35
C LYS A 84 6.89 -3.80 -1.08
N LEU A 85 6.01 -3.79 -0.09
CA LEU A 85 6.31 -4.50 1.16
C LEU A 85 6.47 -5.98 0.86
N GLU A 86 7.52 -6.57 1.42
CA GLU A 86 7.81 -7.97 1.18
C GLU A 86 6.72 -8.95 1.65
N ASP A 87 6.06 -8.63 2.77
CA ASP A 87 4.99 -9.49 3.27
C ASP A 87 3.76 -8.68 3.66
N MET A 88 2.74 -8.74 2.82
CA MET A 88 1.49 -8.02 3.01
C MET A 88 0.74 -8.35 4.30
N ALA A 89 1.27 -9.27 5.09
CA ALA A 89 0.64 -9.65 6.33
C ALA A 89 0.89 -8.55 7.37
N ASN A 90 1.77 -7.62 7.03
CA ASN A 90 2.11 -6.52 7.93
C ASN A 90 1.48 -5.20 7.55
N MET A 91 1.07 -5.06 6.29
CA MET A 91 0.44 -3.82 5.85
C MET A 91 -0.71 -3.42 6.77
N THR A 92 -0.77 -2.14 7.11
CA THR A 92 -1.82 -1.61 7.98
C THR A 92 -3.21 -1.98 7.46
N TYR A 93 -3.42 -1.73 6.18
CA TYR A 93 -4.69 -2.06 5.56
C TYR A 93 -4.48 -3.27 4.65
N LEU A 94 -5.18 -4.36 4.96
CA LEU A 94 -5.05 -5.61 4.23
C LEU A 94 -6.30 -5.96 3.42
N ASN A 95 -6.32 -5.63 2.13
CA ASN A 95 -7.49 -5.95 1.32
C ASN A 95 -7.27 -6.18 -0.16
N GLU A 96 -8.38 -6.48 -0.82
CA GLU A 96 -8.43 -6.72 -2.26
C GLU A 96 -7.48 -5.77 -2.98
N ALA A 97 -7.69 -4.47 -2.75
CA ALA A 97 -6.90 -3.42 -3.38
C ALA A 97 -5.49 -3.25 -2.82
N SER A 98 -5.35 -3.18 -1.50
CA SER A 98 -4.03 -2.99 -0.92
C SER A 98 -3.14 -4.17 -1.29
N VAL A 99 -3.76 -5.29 -1.62
CA VAL A 99 -3.02 -6.48 -2.03
C VAL A 99 -2.69 -6.37 -3.50
N LEU A 100 -3.70 -6.12 -4.33
CA LEU A 100 -3.51 -5.98 -5.76
C LEU A 100 -2.46 -4.91 -6.05
N TYR A 101 -2.45 -3.86 -5.23
CA TYR A 101 -1.48 -2.79 -5.43
C TYR A 101 -0.09 -3.33 -5.12
N ASN A 102 0.13 -3.72 -3.88
CA ASN A 102 1.43 -4.23 -3.46
C ASN A 102 1.94 -5.32 -4.40
N LEU A 103 1.06 -5.86 -5.23
CA LEU A 103 1.48 -6.90 -6.17
C LEU A 103 1.99 -6.39 -7.50
N ARG A 104 1.22 -5.59 -8.23
CA ARG A 104 1.75 -5.11 -9.48
C ARG A 104 2.95 -4.20 -9.22
N SER A 105 2.84 -3.39 -8.17
CA SER A 105 3.93 -2.49 -7.81
C SER A 105 5.24 -3.28 -7.81
N ARG A 106 5.30 -4.33 -7.02
CA ARG A 106 6.53 -5.14 -6.98
C ARG A 106 6.82 -5.77 -8.34
N TYR A 107 5.82 -6.39 -8.94
CA TYR A 107 6.00 -7.07 -10.22
C TYR A 107 6.55 -6.17 -11.32
N THR A 108 6.12 -4.90 -11.35
CA THR A 108 6.60 -3.98 -12.38
C THR A 108 8.04 -3.55 -12.12
N SER A 109 8.49 -3.71 -10.89
CA SER A 109 9.84 -3.34 -10.53
C SER A 109 10.73 -4.57 -10.75
N GLY A 110 10.12 -5.63 -11.25
CA GLY A 110 10.85 -6.86 -11.52
C GLY A 110 10.68 -7.93 -10.46
N LEU A 111 9.96 -7.59 -9.39
CA LEU A 111 9.75 -8.54 -8.30
C LEU A 111 8.59 -9.49 -8.61
N ILE A 112 8.77 -10.78 -8.28
CA ILE A 112 7.73 -11.76 -8.54
C ILE A 112 7.40 -12.66 -7.35
N TYR A 113 8.22 -12.60 -6.30
CA TYR A 113 7.95 -13.39 -5.11
C TYR A 113 7.55 -12.45 -3.99
N THR A 114 6.29 -12.52 -3.58
CA THR A 114 5.76 -11.67 -2.53
C THR A 114 5.11 -12.54 -1.46
N TYR A 115 5.43 -12.28 -0.20
CA TYR A 115 4.82 -13.05 0.86
C TYR A 115 3.46 -12.45 1.23
N SER A 116 2.69 -13.19 2.01
CA SER A 116 1.35 -12.76 2.43
C SER A 116 0.90 -13.76 3.50
N GLY A 117 1.76 -13.96 4.49
CA GLY A 117 1.46 -14.90 5.53
C GLY A 117 2.11 -16.21 5.15
N LEU A 118 1.36 -17.30 5.22
CA LEU A 118 1.88 -18.61 4.87
C LEU A 118 2.10 -18.73 3.37
N PHE A 119 1.31 -17.99 2.60
CA PHE A 119 1.44 -18.01 1.16
C PHE A 119 2.79 -17.49 0.71
N CYS A 120 3.07 -17.69 -0.58
CA CYS A 120 4.29 -17.24 -1.23
C CYS A 120 3.89 -17.04 -2.68
N ILE A 121 3.20 -15.94 -2.92
CA ILE A 121 2.68 -15.55 -4.23
C ILE A 121 3.77 -15.28 -5.27
N ALA A 122 3.74 -16.02 -6.37
CA ALA A 122 4.73 -15.85 -7.44
C ALA A 122 4.10 -15.45 -8.78
N VAL A 123 4.38 -14.24 -9.22
CA VAL A 123 3.85 -13.72 -10.49
C VAL A 123 4.74 -14.10 -11.66
N ASN A 124 4.16 -14.75 -12.66
CA ASN A 124 4.89 -15.19 -13.86
C ASN A 124 5.71 -14.07 -14.52
N PRO A 125 7.03 -14.27 -14.66
CA PRO A 125 7.96 -13.31 -15.26
C PRO A 125 7.81 -13.15 -16.77
N TYR A 126 7.71 -14.27 -17.48
CA TYR A 126 7.60 -14.25 -18.93
C TYR A 126 8.93 -13.80 -19.51
N ARG A 127 9.97 -14.11 -18.75
CA ARG A 127 11.35 -13.81 -19.10
C ARG A 127 12.20 -14.44 -18.01
N ARG A 128 13.30 -15.08 -18.39
CA ARG A 128 14.18 -15.72 -17.41
C ARG A 128 14.84 -14.70 -16.52
N LEU A 129 15.09 -15.06 -15.27
CA LEU A 129 15.70 -14.13 -14.35
C LEU A 129 16.93 -14.67 -13.62
N PRO A 130 17.89 -13.79 -13.31
CA PRO A 130 19.14 -14.09 -12.63
C PRO A 130 18.96 -14.46 -11.16
N ILE A 131 17.77 -14.92 -10.79
CA ILE A 131 17.49 -15.27 -9.40
C ILE A 131 17.84 -16.70 -9.03
N TYR A 132 17.79 -17.58 -10.01
CA TYR A 132 18.03 -19.00 -9.75
C TYR A 132 19.46 -19.51 -9.89
N THR A 133 20.44 -18.68 -9.56
CA THR A 133 21.85 -19.07 -9.65
C THR A 133 22.37 -19.74 -8.37
N ASP A 134 23.42 -20.55 -8.53
CA ASP A 134 24.03 -21.27 -7.43
C ASP A 134 24.39 -20.38 -6.25
N SER A 135 25.06 -19.26 -6.52
CA SER A 135 25.48 -18.37 -5.46
C SER A 135 24.24 -17.90 -4.70
N VAL A 136 23.20 -17.53 -5.44
CA VAL A 136 21.95 -17.10 -4.81
C VAL A 136 21.51 -18.23 -3.90
N ILE A 137 21.46 -19.44 -4.46
CA ILE A 137 21.07 -20.62 -3.72
C ILE A 137 21.77 -20.69 -2.36
N ALA A 138 23.04 -20.33 -2.36
CA ALA A 138 23.86 -20.36 -1.15
C ALA A 138 23.54 -19.31 -0.09
N LYS A 139 23.04 -18.15 -0.50
CA LYS A 139 22.73 -17.15 0.52
C LYS A 139 21.35 -17.38 1.12
N TYR A 140 20.59 -18.31 0.56
CA TYR A 140 19.28 -18.63 1.10
C TYR A 140 19.37 -19.83 2.02
N ARG A 141 20.47 -20.56 1.89
CA ARG A 141 20.70 -21.75 2.70
C ARG A 141 20.59 -21.46 4.20
N GLY A 142 19.64 -22.11 4.84
CA GLY A 142 19.43 -21.97 6.28
C GLY A 142 18.87 -20.69 6.88
N LYS A 143 18.52 -19.72 6.03
CA LYS A 143 18.00 -18.44 6.52
C LYS A 143 16.48 -18.40 6.64
N ARG A 144 15.97 -17.80 7.71
CA ARG A 144 14.53 -17.68 7.90
C ARG A 144 13.97 -16.76 6.81
N LYS A 145 12.65 -16.62 6.72
CA LYS A 145 12.03 -15.79 5.70
C LYS A 145 12.11 -14.29 5.95
N THR A 146 12.09 -13.89 7.22
CA THR A 146 12.16 -12.48 7.57
C THR A 146 13.60 -12.01 7.48
N GLU A 147 14.51 -12.95 7.24
CA GLU A 147 15.93 -12.66 7.15
C GLU A 147 16.44 -12.45 5.73
N ILE A 148 15.54 -12.42 4.75
CA ILE A 148 15.95 -12.24 3.37
C ILE A 148 14.76 -12.10 2.42
N PRO A 149 14.96 -11.41 1.27
CA PRO A 149 13.92 -11.18 0.27
C PRO A 149 13.04 -12.36 -0.12
N PRO A 150 11.73 -12.11 -0.27
CA PRO A 150 10.79 -13.17 -0.64
C PRO A 150 11.32 -13.90 -1.86
N HIS A 151 11.43 -15.21 -1.75
CA HIS A 151 11.92 -16.04 -2.84
C HIS A 151 11.38 -17.45 -2.71
N LEU A 152 11.22 -18.12 -3.85
CA LEU A 152 10.72 -19.49 -3.87
C LEU A 152 11.66 -20.36 -3.05
N PHE A 153 12.96 -20.19 -3.31
CA PHE A 153 13.99 -20.95 -2.62
C PHE A 153 13.80 -21.00 -1.11
N SER A 154 13.27 -19.93 -0.52
CA SER A 154 13.09 -19.90 0.91
C SER A 154 11.95 -20.81 1.36
N VAL A 155 10.92 -20.96 0.54
CA VAL A 155 9.81 -21.84 0.89
C VAL A 155 10.36 -23.25 0.91
N ALA A 156 11.21 -23.54 -0.05
CA ALA A 156 11.82 -24.85 -0.19
C ALA A 156 12.86 -25.10 0.89
N ASP A 157 13.73 -24.13 1.11
CA ASP A 157 14.77 -24.29 2.13
C ASP A 157 14.13 -24.37 3.51
N ASN A 158 13.36 -23.36 3.85
CA ASN A 158 12.68 -23.33 5.14
C ASN A 158 11.89 -24.62 5.30
N ALA A 159 11.65 -25.29 4.19
CA ALA A 159 10.92 -26.55 4.21
C ALA A 159 11.89 -27.64 4.65
N TYR A 160 13.06 -27.67 4.01
CA TYR A 160 14.09 -28.67 4.32
C TYR A 160 14.60 -28.59 5.75
N GLN A 161 15.02 -27.39 6.16
CA GLN A 161 15.54 -27.20 7.51
C GLN A 161 14.43 -27.36 8.55
N ASN A 162 13.20 -27.52 8.08
CA ASN A 162 12.05 -27.72 8.96
C ASN A 162 11.96 -29.22 9.19
N MET A 163 12.23 -29.97 8.12
CA MET A 163 12.20 -31.43 8.16
C MET A 163 13.27 -31.97 9.10
N VAL A 164 14.50 -31.52 8.92
CA VAL A 164 15.62 -31.96 9.74
C VAL A 164 15.42 -31.56 11.20
N THR A 165 15.09 -30.30 11.42
CA THR A 165 14.90 -29.77 12.76
C THR A 165 13.73 -30.39 13.53
N ASP A 166 12.56 -30.48 12.91
CA ASP A 166 11.38 -31.03 13.57
C ASP A 166 11.14 -32.52 13.41
N ARG A 167 11.72 -33.11 12.36
CA ARG A 167 11.54 -34.53 12.11
C ARG A 167 10.08 -34.81 11.78
N GLU A 168 9.57 -34.13 10.75
CA GLU A 168 8.20 -34.28 10.28
C GLU A 168 8.17 -34.19 8.77
N ASN A 169 7.22 -34.87 8.13
CA ASN A 169 7.11 -34.82 6.68
C ASN A 169 6.71 -33.41 6.30
N GLN A 170 7.12 -32.98 5.11
CA GLN A 170 6.79 -31.64 4.64
C GLN A 170 6.02 -31.70 3.32
N SER A 171 5.05 -30.81 3.16
CA SER A 171 4.28 -30.78 1.94
C SER A 171 4.25 -29.37 1.40
N CYS A 172 4.61 -29.22 0.13
CA CYS A 172 4.61 -27.92 -0.53
C CYS A 172 3.51 -27.94 -1.56
N LEU A 173 2.53 -27.05 -1.42
CA LEU A 173 1.43 -27.04 -2.37
C LEU A 173 1.44 -25.86 -3.34
N ILE A 174 1.83 -26.12 -4.58
CA ILE A 174 1.85 -25.08 -5.61
C ILE A 174 0.46 -25.15 -6.24
N THR A 175 -0.13 -23.99 -6.54
CA THR A 175 -1.45 -23.96 -7.14
C THR A 175 -1.53 -22.84 -8.17
N GLY A 176 -2.71 -22.62 -8.73
CA GLY A 176 -2.87 -21.56 -9.69
C GLY A 176 -3.45 -21.94 -11.04
N GLU A 177 -3.91 -20.92 -11.76
CA GLU A 177 -4.51 -21.11 -13.07
C GLU A 177 -3.52 -21.74 -14.04
N SER A 178 -3.98 -21.96 -15.27
CA SER A 178 -3.13 -22.54 -16.31
C SER A 178 -2.19 -21.45 -16.82
N GLY A 179 -0.93 -21.80 -17.03
CA GLY A 179 0.02 -20.83 -17.53
C GLY A 179 0.52 -19.85 -16.48
N ALA A 180 0.15 -20.06 -15.22
CA ALA A 180 0.58 -19.17 -14.14
C ALA A 180 1.98 -19.57 -13.71
N GLY A 181 2.50 -20.60 -14.36
CA GLY A 181 3.84 -21.09 -14.08
C GLY A 181 4.00 -21.89 -12.80
N LYS A 182 3.28 -23.01 -12.67
CA LYS A 182 3.42 -23.81 -11.47
C LYS A 182 4.34 -25.00 -11.71
N THR A 183 4.42 -25.46 -12.96
CA THR A 183 5.29 -26.57 -13.28
C THR A 183 6.73 -26.10 -13.07
N GLU A 184 7.07 -24.97 -13.68
CA GLU A 184 8.42 -24.43 -13.56
C GLU A 184 8.79 -24.25 -12.09
N ASN A 185 7.87 -23.68 -11.31
CA ASN A 185 8.09 -23.48 -9.88
C ASN A 185 8.44 -24.82 -9.23
N THR A 186 7.66 -25.85 -9.54
CA THR A 186 7.86 -27.17 -8.98
C THR A 186 9.23 -27.74 -9.33
N LYS A 187 9.64 -27.58 -10.58
CA LYS A 187 10.94 -28.07 -11.02
C LYS A 187 12.01 -27.37 -10.19
N LYS A 188 11.91 -26.06 -10.08
CA LYS A 188 12.85 -25.26 -9.31
C LYS A 188 12.93 -25.76 -7.88
N VAL A 189 11.77 -25.97 -7.27
CA VAL A 189 11.71 -26.46 -5.89
C VAL A 189 12.55 -27.72 -5.81
N ILE A 190 12.27 -28.64 -6.73
CA ILE A 190 12.98 -29.91 -6.79
C ILE A 190 14.47 -29.70 -7.02
N MET A 191 14.82 -28.90 -8.02
CA MET A 191 16.23 -28.63 -8.28
C MET A 191 16.90 -28.20 -6.98
N TYR A 192 16.38 -27.11 -6.40
CA TYR A 192 16.92 -26.56 -5.16
C TYR A 192 17.10 -27.60 -4.06
N LEU A 193 16.17 -28.55 -3.96
CA LEU A 193 16.27 -29.59 -2.93
C LEU A 193 17.39 -30.54 -3.29
N ALA A 194 17.60 -30.73 -4.58
CA ALA A 194 18.65 -31.62 -5.06
C ALA A 194 20.01 -30.93 -4.92
N LYS A 195 20.00 -29.60 -5.03
CA LYS A 195 21.23 -28.82 -4.94
C LYS A 195 21.69 -28.51 -3.52
N VAL A 196 20.94 -28.94 -2.51
CA VAL A 196 21.34 -28.70 -1.12
C VAL A 196 21.37 -29.98 -0.29
N ALA A 197 21.08 -31.10 -0.94
CA ALA A 197 21.09 -32.39 -0.27
C ALA A 197 21.50 -33.48 -1.26
N CYS A 198 22.54 -33.20 -2.03
CA CYS A 198 23.06 -34.16 -3.01
C CYS A 198 23.68 -35.30 -2.20
N ALA A 199 23.94 -36.44 -2.84
CA ALA A 199 24.47 -37.61 -2.14
C ALA A 199 25.96 -37.71 -1.81
N VAL A 200 26.84 -37.16 -2.64
CA VAL A 200 28.27 -37.23 -2.38
C VAL A 200 29.09 -36.46 -3.40
N GLU A 212 21.92 -44.39 -17.06
CA GLU A 212 21.90 -44.34 -15.60
C GLU A 212 22.22 -42.95 -15.08
N GLY A 213 23.35 -42.81 -14.39
CA GLY A 213 23.74 -41.54 -13.84
C GLY A 213 23.15 -41.34 -12.46
N SER A 214 23.56 -40.27 -11.78
CA SER A 214 23.08 -39.98 -10.42
C SER A 214 21.57 -40.17 -10.31
N LEU A 215 21.08 -40.47 -9.11
CA LEU A 215 19.65 -40.66 -8.94
C LEU A 215 18.92 -39.37 -9.33
N GLU A 216 19.30 -38.28 -8.70
CA GLU A 216 18.68 -36.98 -8.98
C GLU A 216 18.70 -36.68 -10.47
N ASP A 217 19.66 -37.26 -11.19
CA ASP A 217 19.74 -37.06 -12.63
C ASP A 217 18.46 -37.61 -13.26
N GLN A 218 17.94 -38.67 -12.66
CA GLN A 218 16.73 -39.31 -13.17
C GLN A 218 15.45 -38.61 -12.70
N ILE A 219 15.51 -37.90 -11.58
CA ILE A 219 14.33 -37.17 -11.13
C ILE A 219 14.20 -36.09 -12.20
N ILE A 220 15.36 -35.69 -12.73
CA ILE A 220 15.44 -34.67 -13.76
C ILE A 220 15.07 -35.14 -15.17
N GLN A 221 15.49 -36.34 -15.54
CA GLN A 221 15.18 -36.85 -16.86
C GLN A 221 13.79 -37.45 -16.98
N ALA A 222 13.08 -37.58 -15.86
CA ALA A 222 11.74 -38.12 -15.88
C ALA A 222 10.83 -37.04 -16.47
N ASN A 223 11.23 -35.79 -16.31
CA ASN A 223 10.45 -34.66 -16.81
C ASN A 223 10.13 -34.77 -18.30
N PRO A 224 11.13 -35.03 -19.15
CA PRO A 224 10.92 -35.14 -20.60
C PRO A 224 9.81 -36.12 -21.01
N VAL A 225 9.98 -37.40 -20.68
CA VAL A 225 9.00 -38.41 -21.05
C VAL A 225 7.60 -38.05 -20.56
N LEU A 226 7.52 -37.53 -19.34
CA LEU A 226 6.24 -37.14 -18.76
C LEU A 226 5.72 -35.91 -19.49
N GLU A 227 6.65 -35.07 -19.93
CA GLU A 227 6.28 -33.86 -20.66
C GLU A 227 5.68 -34.30 -22.00
N ALA A 228 6.30 -35.30 -22.61
CA ALA A 228 5.83 -35.82 -23.89
C ALA A 228 4.41 -36.37 -23.85
N TYR A 229 3.98 -36.85 -22.69
CA TYR A 229 2.65 -37.43 -22.57
C TYR A 229 1.64 -36.65 -21.74
N GLY A 230 2.12 -35.78 -20.86
CA GLY A 230 1.21 -35.01 -20.05
C GLY A 230 1.15 -33.55 -20.47
N ASN A 231 2.08 -33.14 -21.33
CA ASN A 231 2.13 -31.77 -21.78
C ASN A 231 1.58 -31.58 -23.20
N ALA A 232 1.27 -30.34 -23.54
CA ALA A 232 0.73 -29.97 -24.84
C ALA A 232 0.57 -28.47 -24.91
N LYS A 233 0.47 -27.91 -26.12
CA LYS A 233 0.31 -26.47 -26.26
C LYS A 233 -1.17 -26.08 -26.17
N THR A 234 -1.46 -25.14 -25.29
CA THR A 234 -2.81 -24.67 -25.08
C THR A 234 -2.84 -23.14 -25.08
N THR A 235 -3.94 -22.58 -25.59
CA THR A 235 -4.16 -21.14 -25.67
C THR A 235 -3.49 -20.33 -24.57
N ARG A 236 -3.40 -20.91 -23.39
CA ARG A 236 -2.82 -20.24 -22.24
C ARG A 236 -1.30 -20.37 -22.16
N ASN A 237 -0.82 -21.61 -22.23
CA ASN A 237 0.61 -21.91 -22.10
C ASN A 237 1.14 -22.84 -23.21
N ASN A 238 2.46 -22.83 -23.43
CA ASN A 238 3.09 -23.65 -24.48
C ASN A 238 3.64 -25.03 -24.11
N ASN A 239 3.64 -25.38 -22.83
CA ASN A 239 4.14 -26.68 -22.39
C ASN A 239 3.32 -27.09 -21.18
N SER A 240 2.02 -26.86 -21.31
CA SER A 240 1.04 -27.14 -20.27
C SER A 240 0.95 -28.58 -19.76
N SER A 241 1.15 -28.75 -18.46
CA SER A 241 1.01 -30.06 -17.86
C SER A 241 -0.49 -30.21 -17.72
N ARG A 242 -1.06 -31.20 -18.39
CA ARG A 242 -2.50 -31.39 -18.34
C ARG A 242 -2.93 -32.43 -17.31
N PHE A 243 -2.07 -32.66 -16.34
CA PHE A 243 -2.41 -33.62 -15.31
C PHE A 243 -1.96 -33.10 -13.96
N GLY A 244 -2.64 -33.58 -12.92
CA GLY A 244 -2.30 -33.18 -11.57
C GLY A 244 -1.13 -34.06 -11.19
N LYS A 245 -0.24 -33.55 -10.36
CA LYS A 245 0.92 -34.31 -9.96
C LYS A 245 1.32 -34.13 -8.50
N PHE A 246 1.59 -35.24 -7.82
CA PHE A 246 2.03 -35.17 -6.43
C PHE A 246 3.36 -35.90 -6.33
N ILE A 247 4.44 -35.14 -6.47
CA ILE A 247 5.77 -35.72 -6.42
C ILE A 247 6.38 -35.67 -5.03
N ARG A 248 6.64 -36.84 -4.48
CA ARG A 248 7.25 -36.94 -3.16
C ARG A 248 8.74 -37.14 -3.33
N ILE A 249 9.51 -36.54 -2.43
CA ILE A 249 10.95 -36.69 -2.44
C ILE A 249 11.29 -37.21 -1.05
N HIS A 250 12.03 -38.31 -0.99
CA HIS A 250 12.40 -38.93 0.26
C HIS A 250 13.86 -38.67 0.65
N PHE A 251 14.11 -38.63 1.95
CA PHE A 251 15.46 -38.36 2.46
C PHE A 251 15.91 -39.37 3.52
N GLY A 252 17.22 -39.51 3.66
CA GLY A 252 17.77 -40.42 4.65
C GLY A 252 17.91 -39.77 6.01
N PRO A 253 18.60 -40.41 6.96
CA PRO A 253 18.83 -39.90 8.33
C PRO A 253 19.88 -38.80 8.41
N THR A 254 20.64 -38.62 7.33
CA THR A 254 21.65 -37.58 7.28
C THR A 254 21.11 -36.47 6.40
N GLY A 255 19.78 -36.47 6.26
CA GLY A 255 19.09 -35.46 5.48
C GLY A 255 19.34 -35.39 3.98
N LYS A 256 19.93 -36.41 3.39
CA LYS A 256 20.17 -36.37 1.94
C LYS A 256 19.04 -37.11 1.22
N ILE A 257 18.88 -36.84 -0.07
CA ILE A 257 17.82 -37.46 -0.86
C ILE A 257 17.90 -38.99 -0.93
N ALA A 258 16.92 -39.66 -0.34
CA ALA A 258 16.87 -41.12 -0.38
C ALA A 258 16.32 -41.51 -1.75
N GLY A 259 15.24 -40.84 -2.16
CA GLY A 259 14.63 -41.13 -3.44
C GLY A 259 13.36 -40.33 -3.70
N ALA A 260 12.58 -40.78 -4.69
CA ALA A 260 11.33 -40.11 -5.04
C ALA A 260 10.28 -41.11 -5.52
N ASP A 261 9.18 -40.57 -6.04
CA ASP A 261 8.06 -41.34 -6.61
C ASP A 261 7.06 -40.29 -7.05
N ILE A 262 6.12 -40.67 -7.92
CA ILE A 262 5.15 -39.71 -8.40
C ILE A 262 3.71 -40.22 -8.32
N GLU A 263 2.79 -39.29 -8.47
CA GLU A 263 1.36 -39.55 -8.46
C GLU A 263 0.71 -38.57 -9.43
N THR A 264 -0.13 -39.06 -10.33
CA THR A 264 -0.79 -38.16 -11.26
C THR A 264 -2.23 -37.96 -10.82
N TYR A 265 -2.91 -37.02 -11.46
CA TYR A 265 -4.30 -36.73 -11.13
C TYR A 265 -5.03 -36.14 -12.33
N LEU A 266 -6.23 -36.64 -12.59
CA LEU A 266 -7.04 -36.18 -13.70
C LEU A 266 -6.25 -35.77 -14.94
N LEU A 267 -5.85 -36.73 -15.76
CA LEU A 267 -5.14 -36.39 -16.98
C LEU A 267 -6.20 -36.03 -18.02
N GLU A 268 -5.93 -35.05 -18.85
CA GLU A 268 -6.89 -34.61 -19.86
C GLU A 268 -7.04 -35.63 -20.99
N LYS A 269 -7.83 -36.68 -20.75
CA LYS A 269 -8.03 -37.71 -21.78
C LYS A 269 -8.60 -37.11 -23.06
N SER A 270 -9.54 -36.19 -22.89
CA SER A 270 -10.21 -35.51 -24.01
C SER A 270 -9.28 -35.14 -25.17
N ARG A 271 -8.10 -34.65 -24.83
CA ARG A 271 -7.09 -34.22 -25.78
C ARG A 271 -6.74 -35.21 -26.88
N VAL A 272 -6.67 -36.47 -26.50
CA VAL A 272 -6.30 -37.55 -27.41
C VAL A 272 -7.05 -37.61 -28.73
N THR A 273 -8.26 -37.07 -28.78
CA THR A 273 -9.02 -37.14 -30.02
C THR A 273 -9.63 -35.82 -30.51
N TYR A 274 -9.56 -34.79 -29.68
CA TYR A 274 -10.09 -33.47 -30.05
C TYR A 274 -9.06 -32.41 -29.71
N GLN A 275 -9.10 -31.30 -30.47
CA GLN A 275 -8.18 -30.19 -30.24
C GLN A 275 -8.79 -28.92 -30.82
N GLN A 276 -8.73 -27.85 -30.05
CA GLN A 276 -9.27 -26.56 -30.48
C GLN A 276 -8.29 -25.80 -31.36
N SER A 277 -8.79 -24.75 -31.99
CA SER A 277 -7.96 -23.93 -32.87
C SER A 277 -6.78 -23.37 -32.10
N ALA A 278 -5.59 -23.50 -32.68
CA ALA A 278 -4.36 -23.03 -32.08
C ALA A 278 -3.97 -23.96 -30.93
N GLU A 279 -4.30 -25.24 -31.08
CA GLU A 279 -3.96 -26.22 -30.05
C GLU A 279 -3.60 -27.59 -30.62
N ARG A 280 -2.55 -28.16 -30.04
CA ARG A 280 -2.06 -29.46 -30.46
C ARG A 280 -2.44 -30.52 -29.47
N ASN A 281 -2.05 -31.75 -29.78
CA ASN A 281 -2.29 -32.87 -28.90
C ASN A 281 -0.98 -32.97 -28.12
N TYR A 282 -0.85 -33.98 -27.28
CA TYR A 282 0.37 -34.15 -26.51
C TYR A 282 1.57 -34.17 -27.43
N HIS A 283 2.59 -33.40 -27.06
CA HIS A 283 3.81 -33.28 -27.85
C HIS A 283 4.28 -34.60 -28.44
N ILE A 284 4.19 -35.66 -27.63
CA ILE A 284 4.63 -36.97 -28.08
C ILE A 284 4.16 -37.35 -29.47
N PHE A 285 2.89 -37.10 -29.78
CA PHE A 285 2.36 -37.44 -31.09
C PHE A 285 3.09 -36.71 -32.21
N TYR A 286 3.47 -35.46 -31.95
CA TYR A 286 4.14 -34.68 -32.97
C TYR A 286 5.62 -35.04 -33.05
N GLN A 287 6.22 -35.42 -31.93
CA GLN A 287 7.62 -35.84 -31.91
C GLN A 287 7.66 -37.11 -32.76
N ILE A 288 6.73 -38.01 -32.45
CA ILE A 288 6.58 -39.27 -33.13
C ILE A 288 6.56 -39.11 -34.65
N CYS A 289 6.04 -37.98 -35.11
CA CYS A 289 5.97 -37.70 -36.54
C CYS A 289 6.90 -36.56 -36.91
N SER A 290 8.10 -36.58 -36.34
CA SER A 290 9.10 -35.56 -36.59
C SER A 290 10.17 -36.07 -37.54
N ASN A 291 10.28 -37.40 -37.61
CA ASN A 291 11.27 -38.04 -38.46
C ASN A 291 12.66 -37.63 -37.98
N ALA A 292 12.81 -37.53 -36.66
CA ALA A 292 14.08 -37.18 -36.04
C ALA A 292 14.85 -38.47 -35.83
N ILE A 293 14.11 -39.57 -35.84
CA ILE A 293 14.69 -40.90 -35.70
C ILE A 293 14.07 -41.81 -36.75
N PRO A 294 14.47 -41.63 -38.02
CA PRO A 294 13.97 -42.43 -39.15
C PRO A 294 13.88 -43.93 -38.92
N GLU A 295 14.88 -44.50 -38.25
CA GLU A 295 14.92 -45.92 -37.95
C GLU A 295 13.63 -46.45 -37.33
N LEU A 296 12.91 -45.58 -36.64
CA LEU A 296 11.68 -45.95 -35.96
C LEU A 296 10.40 -45.82 -36.77
N ASN A 297 10.41 -44.98 -37.79
CA ASN A 297 9.22 -44.79 -38.60
C ASN A 297 8.57 -46.11 -39.02
N ASP A 298 9.37 -47.10 -39.37
CA ASP A 298 8.86 -48.40 -39.79
C ASP A 298 8.39 -49.23 -38.61
N VAL A 299 9.09 -49.11 -37.49
CA VAL A 299 8.74 -49.85 -36.30
C VAL A 299 7.34 -49.39 -35.88
N MET A 300 7.02 -48.14 -36.20
CA MET A 300 5.74 -47.55 -35.84
C MET A 300 4.71 -47.48 -36.97
N LEU A 301 5.18 -47.57 -38.21
CA LEU A 301 4.29 -47.50 -39.37
C LEU A 301 3.78 -46.08 -39.54
N VAL A 302 4.63 -45.09 -39.24
CA VAL A 302 4.20 -43.71 -39.36
C VAL A 302 4.89 -42.95 -40.49
N THR A 303 4.14 -42.04 -41.08
CA THR A 303 4.64 -41.20 -42.15
C THR A 303 4.81 -39.81 -41.58
N PRO A 304 6.07 -39.37 -41.38
CA PRO A 304 6.50 -38.09 -40.84
C PRO A 304 5.81 -36.77 -41.24
N ASP A 305 4.49 -36.80 -41.39
CA ASP A 305 3.69 -35.60 -41.67
C ASP A 305 2.46 -35.70 -40.80
N SER A 306 2.45 -34.96 -39.71
CA SER A 306 1.35 -34.97 -38.76
C SER A 306 0.00 -34.49 -39.28
N GLY A 307 0.01 -33.49 -40.17
CA GLY A 307 -1.24 -32.98 -40.70
C GLY A 307 -2.15 -34.06 -41.26
N LEU A 308 -1.54 -35.16 -41.66
CA LEU A 308 -2.24 -36.30 -42.24
C LEU A 308 -3.18 -37.03 -41.28
N TYR A 309 -2.78 -37.14 -40.01
CA TYR A 309 -3.56 -37.83 -39.00
C TYR A 309 -4.71 -37.04 -38.38
N SER A 310 -5.89 -37.67 -38.30
CA SER A 310 -7.08 -37.02 -37.78
C SER A 310 -7.31 -36.91 -36.28
N PHE A 311 -6.32 -37.31 -35.48
CA PHE A 311 -6.46 -37.18 -34.03
C PHE A 311 -5.58 -36.03 -33.59
N ILE A 312 -4.83 -35.48 -34.54
CA ILE A 312 -3.93 -34.37 -34.25
C ILE A 312 -3.99 -33.25 -35.29
N ASN A 313 -4.59 -33.53 -36.45
CA ASN A 313 -4.66 -32.52 -37.51
C ASN A 313 -5.77 -31.48 -37.30
N GLN A 314 -6.30 -31.43 -36.08
CA GLN A 314 -7.39 -30.51 -35.74
C GLN A 314 -6.93 -29.06 -35.52
N GLY A 315 -6.37 -28.78 -34.33
CA GLY A 315 -5.89 -27.45 -34.03
C GLY A 315 -4.61 -27.20 -34.80
N CYS A 316 -3.65 -26.48 -34.24
CA CYS A 316 -2.41 -26.25 -34.96
C CYS A 316 -1.41 -27.40 -34.73
N LEU A 317 -0.37 -27.44 -35.57
CA LEU A 317 0.61 -28.52 -35.51
C LEU A 317 2.01 -28.14 -35.01
N THR A 318 2.35 -26.87 -35.12
CA THR A 318 3.66 -26.43 -34.69
C THR A 318 3.59 -25.55 -33.44
N VAL A 319 4.74 -25.26 -32.87
CA VAL A 319 4.82 -24.42 -31.69
C VAL A 319 6.04 -23.52 -31.83
N ASP A 320 5.85 -22.23 -31.61
CA ASP A 320 6.93 -21.26 -31.73
C ASP A 320 8.20 -21.62 -30.97
N ASN A 321 8.07 -22.06 -29.72
CA ASN A 321 9.25 -22.40 -28.94
C ASN A 321 9.51 -23.90 -28.75
N ILE A 322 8.75 -24.75 -29.43
CA ILE A 322 8.92 -26.21 -29.32
C ILE A 322 9.53 -26.84 -30.57
N ASP A 323 10.66 -27.52 -30.41
CA ASP A 323 11.32 -28.19 -31.54
C ASP A 323 10.88 -29.66 -31.52
N ASP A 324 9.71 -29.92 -32.07
CA ASP A 324 9.14 -31.27 -32.13
C ASP A 324 10.13 -32.37 -32.50
N VAL A 325 11.29 -31.97 -33.02
CA VAL A 325 12.32 -32.92 -33.43
C VAL A 325 13.43 -33.11 -32.40
N GLU A 326 13.94 -32.01 -31.85
CA GLU A 326 14.98 -32.08 -30.83
C GLU A 326 14.43 -32.83 -29.63
N GLU A 327 13.38 -32.25 -29.06
CA GLU A 327 12.67 -32.77 -27.90
C GLU A 327 12.38 -34.25 -28.04
N PHE A 328 12.21 -34.72 -29.28
CA PHE A 328 11.93 -36.13 -29.51
C PHE A 328 13.21 -36.94 -29.34
N LYS A 329 14.32 -36.42 -29.86
CA LYS A 329 15.59 -37.10 -29.73
C LYS A 329 15.93 -37.19 -28.24
N LEU A 330 15.76 -36.07 -27.53
CA LEU A 330 16.03 -36.03 -26.11
C LEU A 330 15.11 -36.97 -25.35
N CYS A 331 13.83 -36.99 -25.74
CA CYS A 331 12.87 -37.87 -25.10
C CYS A 331 13.41 -39.30 -25.21
N ASP A 332 13.91 -39.63 -26.39
CA ASP A 332 14.47 -40.96 -26.65
C ASP A 332 15.58 -41.27 -25.64
N GLU A 333 16.52 -40.35 -25.50
CA GLU A 333 17.63 -40.52 -24.57
C GLU A 333 17.12 -40.59 -23.13
N ALA A 334 16.17 -39.72 -22.79
CA ALA A 334 15.60 -39.70 -21.46
C ALA A 334 15.21 -41.12 -21.05
N PHE A 335 14.60 -41.85 -21.98
CA PHE A 335 14.19 -43.23 -21.72
C PHE A 335 15.41 -44.12 -21.51
N ASP A 336 16.44 -43.91 -22.32
CA ASP A 336 17.67 -44.69 -22.21
C ASP A 336 18.36 -44.38 -20.88
N ILE A 337 18.22 -43.13 -20.43
CA ILE A 337 18.81 -42.68 -19.18
C ILE A 337 17.93 -43.10 -17.99
N LEU A 338 16.71 -43.54 -18.31
CA LEU A 338 15.76 -43.99 -17.29
C LEU A 338 15.83 -45.51 -17.20
N GLY A 339 16.55 -46.12 -18.15
CA GLY A 339 16.69 -47.56 -18.14
C GLY A 339 15.70 -48.38 -18.93
N PHE A 340 14.63 -47.77 -19.42
CA PHE A 340 13.64 -48.52 -20.21
C PHE A 340 14.37 -49.33 -21.28
N THR A 341 14.06 -50.61 -21.38
CA THR A 341 14.69 -51.43 -22.41
C THR A 341 14.29 -50.82 -23.74
N LYS A 342 14.94 -51.25 -24.82
CA LYS A 342 14.58 -50.73 -26.13
C LYS A 342 13.21 -51.33 -26.45
N GLU A 343 13.04 -52.60 -26.06
CA GLU A 343 11.79 -53.31 -26.28
C GLU A 343 10.64 -52.57 -25.59
N GLU A 344 10.91 -52.01 -24.42
CA GLU A 344 9.89 -51.26 -23.68
C GLU A 344 9.67 -49.92 -24.37
N LYS A 345 10.74 -49.14 -24.49
CA LYS A 345 10.66 -47.83 -25.12
C LYS A 345 9.90 -47.93 -26.44
N GLN A 346 10.15 -48.98 -27.20
CA GLN A 346 9.48 -49.15 -28.48
C GLN A 346 8.03 -49.59 -28.31
N SER A 347 7.74 -50.41 -27.31
CA SER A 347 6.35 -50.82 -27.07
C SER A 347 5.54 -49.54 -26.94
N MET A 348 6.07 -48.62 -26.14
CA MET A 348 5.43 -47.33 -25.94
C MET A 348 5.22 -46.69 -27.31
N PHE A 349 6.33 -46.49 -28.03
CA PHE A 349 6.30 -45.89 -29.35
C PHE A 349 5.26 -46.51 -30.27
N LYS A 350 5.18 -47.83 -30.26
CA LYS A 350 4.22 -48.53 -31.11
C LYS A 350 2.77 -48.23 -30.70
N CYS A 351 2.48 -48.38 -29.42
CA CYS A 351 1.14 -48.12 -28.93
C CYS A 351 0.70 -46.70 -29.26
N THR A 352 1.63 -45.76 -29.15
CA THR A 352 1.34 -44.36 -29.43
C THR A 352 1.02 -44.19 -30.91
N ALA A 353 1.89 -44.69 -31.77
CA ALA A 353 1.69 -44.56 -33.20
C ALA A 353 0.34 -45.14 -33.61
N SER A 354 0.01 -46.32 -33.08
CA SER A 354 -1.24 -46.98 -33.41
C SER A 354 -2.48 -46.13 -33.13
N ILE A 355 -2.35 -45.12 -32.27
CA ILE A 355 -3.49 -44.26 -31.95
C ILE A 355 -3.65 -43.22 -33.05
N LEU A 356 -2.73 -43.22 -34.00
CA LEU A 356 -2.80 -42.29 -35.11
C LEU A 356 -3.51 -42.97 -36.26
N HIS A 357 -3.43 -44.30 -36.26
CA HIS A 357 -4.09 -45.06 -37.30
C HIS A 357 -5.56 -45.21 -36.93
N MET A 358 -5.84 -45.39 -35.64
CA MET A 358 -7.21 -45.53 -35.17
C MET A 358 -8.03 -44.33 -35.64
N GLY A 359 -7.39 -43.17 -35.71
CA GLY A 359 -8.08 -41.97 -36.14
C GLY A 359 -8.21 -41.87 -37.64
N GLU A 360 -7.54 -42.76 -38.35
CA GLU A 360 -7.59 -42.77 -39.81
C GLU A 360 -8.25 -44.06 -40.28
N MET A 361 -9.08 -44.61 -39.40
CA MET A 361 -9.82 -45.84 -39.65
C MET A 361 -11.25 -45.39 -39.92
N LYS A 362 -11.70 -45.52 -41.17
CA LYS A 362 -13.05 -45.08 -41.54
C LYS A 362 -14.05 -46.20 -41.82
N PHE A 363 -15.33 -45.91 -41.65
CA PHE A 363 -16.38 -46.92 -41.86
C PHE A 363 -17.53 -46.51 -42.78
N LYS A 364 -18.22 -47.52 -43.30
CA LYS A 364 -19.38 -47.32 -44.17
C LYS A 364 -20.62 -47.73 -43.38
N GLN A 365 -21.77 -47.15 -43.70
CA GLN A 365 -22.99 -47.45 -42.96
C GLN A 365 -24.15 -48.06 -43.74
N ARG A 366 -24.32 -47.69 -45.00
CA ARG A 366 -25.47 -48.17 -45.76
C ARG A 366 -25.41 -49.29 -46.79
N PRO A 367 -24.97 -50.51 -46.41
CA PRO A 367 -24.95 -51.56 -47.44
C PRO A 367 -26.35 -51.63 -48.10
N ARG A 368 -27.28 -52.32 -47.45
CA ARG A 368 -28.67 -52.41 -47.91
C ARG A 368 -29.41 -52.46 -46.59
N GLU A 369 -28.66 -52.91 -45.60
CA GLU A 369 -29.07 -53.02 -44.21
C GLU A 369 -28.57 -51.70 -43.65
N GLU A 370 -29.16 -51.22 -42.56
CA GLU A 370 -28.71 -49.95 -42.02
C GLU A 370 -27.97 -50.01 -40.67
N GLN A 371 -26.82 -50.68 -40.67
CA GLN A 371 -25.90 -50.82 -39.52
C GLN A 371 -24.54 -50.62 -40.19
N ALA A 372 -23.47 -50.36 -39.41
CA ALA A 372 -22.16 -50.09 -40.01
C ALA A 372 -21.21 -51.24 -40.36
N GLU A 373 -20.30 -50.95 -41.29
CA GLU A 373 -19.27 -51.89 -41.76
C GLU A 373 -18.04 -51.15 -42.28
N SER A 374 -16.86 -51.65 -41.93
CA SER A 374 -15.57 -51.06 -42.30
C SER A 374 -15.38 -50.68 -43.78
N ASP A 375 -14.67 -49.57 -44.01
CA ASP A 375 -14.39 -49.09 -45.36
C ASP A 375 -12.89 -49.18 -45.64
N GLY A 376 -12.36 -50.40 -45.58
CA GLY A 376 -10.94 -50.62 -45.80
C GLY A 376 -10.34 -51.22 -44.55
N THR A 377 -9.26 -51.97 -44.69
CA THR A 377 -8.61 -52.60 -43.55
C THR A 377 -7.19 -52.06 -43.35
N ALA A 378 -6.59 -51.58 -44.44
CA ALA A 378 -5.23 -51.04 -44.45
C ALA A 378 -4.77 -50.35 -43.16
N GLU A 379 -5.63 -49.54 -42.55
CA GLU A 379 -5.28 -48.85 -41.32
C GLU A 379 -5.57 -49.75 -40.14
N ALA A 380 -6.76 -50.34 -40.15
CA ALA A 380 -7.19 -51.24 -39.09
C ALA A 380 -6.09 -52.29 -38.88
N GLU A 381 -5.46 -52.69 -39.97
CA GLU A 381 -4.39 -53.69 -39.93
C GLU A 381 -3.18 -53.11 -39.23
N LYS A 382 -2.76 -51.92 -39.64
CA LYS A 382 -1.61 -51.26 -39.06
C LYS A 382 -1.81 -51.14 -37.55
N VAL A 383 -3.06 -50.94 -37.15
CA VAL A 383 -3.38 -50.83 -35.74
C VAL A 383 -3.18 -52.19 -35.09
N ALA A 384 -3.85 -53.19 -35.63
CA ALA A 384 -3.75 -54.56 -35.12
C ALA A 384 -2.30 -55.04 -35.09
N PHE A 385 -1.49 -54.52 -36.01
CA PHE A 385 -0.09 -54.91 -36.08
C PHE A 385 0.67 -54.40 -34.87
N LEU A 386 0.67 -53.09 -34.67
CA LEU A 386 1.36 -52.45 -33.57
C LEU A 386 0.80 -52.87 -32.21
N CYS A 387 -0.50 -53.22 -32.20
CA CYS A 387 -1.16 -53.64 -30.96
C CYS A 387 -0.95 -55.12 -30.66
N GLY A 388 -0.60 -55.90 -31.68
CA GLY A 388 -0.39 -57.32 -31.49
C GLY A 388 -1.65 -58.15 -31.60
N ILE A 389 -2.57 -57.75 -32.46
CA ILE A 389 -3.81 -58.51 -32.63
C ILE A 389 -4.16 -58.88 -34.07
N ASN A 390 -5.42 -59.24 -34.26
CA ASN A 390 -5.95 -59.66 -35.56
C ASN A 390 -6.96 -58.64 -36.09
N ALA A 391 -6.57 -57.88 -37.11
CA ALA A 391 -7.46 -56.88 -37.70
C ALA A 391 -8.84 -57.46 -37.95
N GLY A 392 -8.88 -58.76 -38.23
CA GLY A 392 -10.15 -59.43 -38.45
C GLY A 392 -10.89 -59.41 -37.13
N ASP A 393 -10.33 -60.08 -36.13
CA ASP A 393 -10.93 -60.10 -34.80
C ASP A 393 -11.24 -58.67 -34.39
N LEU A 394 -10.25 -57.79 -34.57
CA LEU A 394 -10.39 -56.39 -34.22
C LEU A 394 -11.67 -55.78 -34.79
N LEU A 395 -11.73 -55.62 -36.11
CA LEU A 395 -12.90 -55.02 -36.73
C LEU A 395 -14.19 -55.79 -36.44
N LYS A 396 -14.11 -57.12 -36.42
CA LYS A 396 -15.29 -57.93 -36.13
C LYS A 396 -15.89 -57.40 -34.83
N ALA A 397 -15.04 -57.26 -33.82
CA ALA A 397 -15.46 -56.79 -32.51
C ALA A 397 -15.83 -55.31 -32.48
N LEU A 398 -15.20 -54.50 -33.33
CA LEU A 398 -15.48 -53.06 -33.36
C LEU A 398 -16.81 -52.77 -34.05
N LEU A 399 -17.35 -53.76 -34.75
CA LEU A 399 -18.61 -53.57 -35.45
C LEU A 399 -19.75 -54.29 -34.75
N LYS A 400 -19.63 -55.61 -34.61
CA LYS A 400 -20.68 -56.41 -33.97
C LYS A 400 -20.21 -57.03 -32.64
N PRO A 401 -19.98 -56.19 -31.62
CA PRO A 401 -19.52 -56.57 -30.27
C PRO A 401 -20.23 -57.72 -29.57
N LYS A 402 -19.55 -58.26 -28.57
CA LYS A 402 -20.08 -59.36 -27.78
C LYS A 402 -20.32 -58.87 -26.35
N VAL A 403 -21.48 -58.28 -26.13
CA VAL A 403 -21.86 -57.79 -24.81
C VAL A 403 -22.09 -59.04 -23.97
N LYS A 404 -22.13 -58.88 -22.65
CA LYS A 404 -22.34 -60.03 -21.79
C LYS A 404 -23.17 -59.66 -20.57
N VAL A 405 -24.03 -60.57 -20.15
CA VAL A 405 -24.90 -60.36 -19.00
C VAL A 405 -25.39 -61.70 -18.47
N GLY A 406 -25.13 -61.97 -17.19
CA GLY A 406 -25.55 -63.22 -16.61
C GLY A 406 -24.83 -64.39 -17.27
N THR A 407 -25.59 -65.36 -17.73
CA THR A 407 -25.03 -66.55 -18.37
C THR A 407 -25.22 -66.49 -19.89
N GLU A 408 -25.42 -65.29 -20.41
CA GLU A 408 -25.60 -65.10 -21.85
C GLU A 408 -24.76 -63.96 -22.36
N MET A 409 -24.19 -64.13 -23.55
CA MET A 409 -23.35 -63.11 -24.16
C MET A 409 -23.93 -62.77 -25.54
N VAL A 410 -24.58 -61.63 -25.65
CA VAL A 410 -25.20 -61.22 -26.91
C VAL A 410 -24.27 -60.45 -27.84
N THR A 411 -24.66 -60.43 -29.11
CA THR A 411 -23.94 -59.71 -30.15
C THR A 411 -24.76 -58.47 -30.40
N LYS A 412 -24.33 -57.33 -29.88
CA LYS A 412 -25.08 -56.11 -30.11
C LYS A 412 -24.51 -55.44 -31.34
N GLY A 413 -25.40 -54.86 -32.13
CA GLY A 413 -24.94 -54.18 -33.32
C GLY A 413 -24.91 -52.69 -33.07
N GLN A 414 -23.96 -52.01 -33.69
CA GLN A 414 -23.87 -50.57 -33.54
C GLN A 414 -23.53 -49.91 -34.87
N ASN A 415 -24.04 -48.69 -35.01
CA ASN A 415 -23.89 -47.87 -36.21
C ASN A 415 -22.58 -47.08 -36.28
N MET A 416 -22.46 -46.25 -37.31
CA MET A 416 -21.29 -45.40 -37.49
C MET A 416 -20.99 -44.73 -36.16
N ASN A 417 -21.89 -43.83 -35.76
CA ASN A 417 -21.76 -43.10 -34.52
C ASN A 417 -21.22 -43.92 -33.36
N GLN A 418 -21.95 -44.96 -32.97
CA GLN A 418 -21.52 -45.81 -31.86
C GLN A 418 -20.12 -46.37 -32.09
N VAL A 419 -19.83 -46.75 -33.34
CA VAL A 419 -18.53 -47.32 -33.68
C VAL A 419 -17.37 -46.32 -33.72
N VAL A 420 -17.49 -45.26 -34.50
CA VAL A 420 -16.41 -44.27 -34.58
C VAL A 420 -16.14 -43.72 -33.18
N ASN A 421 -17.19 -43.63 -32.36
CA ASN A 421 -17.04 -43.14 -31.01
C ASN A 421 -16.37 -44.21 -30.16
N SER A 422 -16.57 -45.47 -30.53
CA SER A 422 -15.95 -46.57 -29.80
C SER A 422 -14.44 -46.42 -30.00
N VAL A 423 -14.04 -46.32 -31.26
CA VAL A 423 -12.65 -46.15 -31.63
C VAL A 423 -11.99 -45.10 -30.73
N GLY A 424 -12.44 -43.86 -30.86
CA GLY A 424 -11.90 -42.77 -30.05
C GLY A 424 -11.82 -43.13 -28.59
N ALA A 425 -12.78 -43.90 -28.10
CA ALA A 425 -12.79 -44.30 -26.69
C ALA A 425 -11.61 -45.24 -26.43
N LEU A 426 -11.36 -46.13 -27.38
CA LEU A 426 -10.27 -47.09 -27.30
C LEU A 426 -8.94 -46.34 -27.27
N ALA A 427 -8.85 -45.26 -28.05
CA ALA A 427 -7.64 -44.46 -28.10
C ALA A 427 -7.42 -43.81 -26.75
N LYS A 428 -8.40 -43.03 -26.32
CA LYS A 428 -8.32 -42.36 -25.02
C LYS A 428 -7.95 -43.39 -23.97
N SER A 429 -8.78 -44.41 -23.82
CA SER A 429 -8.54 -45.46 -22.83
C SER A 429 -7.13 -46.00 -22.91
N LEU A 430 -6.66 -46.29 -24.12
CA LEU A 430 -5.32 -46.81 -24.28
C LEU A 430 -4.30 -45.83 -23.72
N TYR A 431 -4.38 -44.58 -24.18
CA TYR A 431 -3.46 -43.55 -23.74
C TYR A 431 -3.40 -43.45 -22.23
N ASP A 432 -4.55 -43.25 -21.59
CA ASP A 432 -4.57 -43.14 -20.13
C ASP A 432 -3.83 -44.34 -19.55
N ARG A 433 -4.33 -45.53 -19.83
CA ARG A 433 -3.70 -46.77 -19.35
C ARG A 433 -2.18 -46.71 -19.54
N MET A 434 -1.76 -46.33 -20.74
CA MET A 434 -0.35 -46.24 -21.08
C MET A 434 0.39 -45.27 -20.16
N PHE A 435 -0.01 -44.01 -20.19
CA PHE A 435 0.58 -42.96 -19.36
C PHE A 435 0.69 -43.40 -17.91
N ASN A 436 -0.39 -43.98 -17.38
CA ASN A 436 -0.39 -44.45 -15.99
C ASN A 436 0.72 -45.45 -15.77
N TRP A 437 0.87 -46.36 -16.74
CA TRP A 437 1.88 -47.40 -16.70
C TRP A 437 3.26 -46.74 -16.65
N LEU A 438 3.46 -45.77 -17.54
CA LEU A 438 4.70 -45.03 -17.64
C LEU A 438 5.06 -44.42 -16.29
N VAL A 439 4.09 -43.75 -15.68
CA VAL A 439 4.31 -43.13 -14.38
C VAL A 439 4.74 -44.19 -13.38
N ARG A 440 4.02 -45.31 -13.36
CA ARG A 440 4.32 -46.40 -12.44
C ARG A 440 5.73 -46.89 -12.76
N ARG A 441 6.01 -47.00 -14.05
CA ARG A 441 7.31 -47.44 -14.53
C ARG A 441 8.38 -46.51 -13.97
N VAL A 442 8.28 -45.24 -14.31
CA VAL A 442 9.23 -44.24 -13.84
C VAL A 442 9.47 -44.36 -12.34
N ASN A 443 8.42 -44.56 -11.58
CA ASN A 443 8.58 -44.69 -10.14
C ASN A 443 9.50 -45.87 -9.83
N LYS A 444 9.32 -46.97 -10.56
CA LYS A 444 10.13 -48.15 -10.33
C LYS A 444 11.60 -47.74 -10.39
N THR A 445 11.93 -46.87 -11.34
CA THR A 445 13.30 -46.38 -11.48
C THR A 445 13.64 -45.55 -10.24
N LEU A 446 13.04 -44.35 -10.20
CA LEU A 446 13.25 -43.41 -9.12
C LEU A 446 13.10 -43.98 -7.72
N ASP A 447 12.51 -45.17 -7.61
CA ASP A 447 12.36 -45.79 -6.31
C ASP A 447 13.73 -46.32 -5.91
N THR A 448 13.94 -46.44 -4.60
CA THR A 448 15.19 -46.96 -4.09
C THR A 448 14.85 -48.07 -3.13
N LYS A 449 15.76 -49.02 -2.95
CA LYS A 449 15.47 -50.12 -2.04
C LYS A 449 16.00 -49.89 -0.64
N ALA A 450 16.49 -48.67 -0.41
CA ALA A 450 17.00 -48.30 0.90
C ALA A 450 15.81 -47.73 1.68
N LYS A 451 15.94 -47.71 3.01
CA LYS A 451 14.87 -47.18 3.85
C LYS A 451 14.91 -45.67 3.87
N ARG A 452 13.74 -45.05 4.01
CA ARG A 452 13.63 -43.61 4.04
C ARG A 452 13.07 -43.19 5.40
N ASN A 453 13.64 -42.13 5.95
CA ASN A 453 13.18 -41.63 7.24
C ASN A 453 12.04 -40.65 7.08
N TYR A 454 12.25 -39.60 6.29
CA TYR A 454 11.20 -38.61 6.07
C TYR A 454 11.20 -38.08 4.64
N TYR A 455 10.06 -37.52 4.24
CA TYR A 455 9.92 -36.97 2.90
C TYR A 455 9.41 -35.54 2.94
N ILE A 456 9.24 -34.98 1.75
CA ILE A 456 8.72 -33.64 1.57
C ILE A 456 8.12 -33.74 0.18
N GLY A 457 6.80 -33.63 0.12
CA GLY A 457 6.13 -33.76 -1.14
C GLY A 457 5.69 -32.46 -1.78
N VAL A 458 5.90 -32.37 -3.09
CA VAL A 458 5.51 -31.19 -3.84
C VAL A 458 4.28 -31.50 -4.67
N LEU A 459 3.21 -30.75 -4.42
CA LEU A 459 1.97 -30.95 -5.15
C LEU A 459 1.93 -29.92 -6.27
N ASP A 460 1.05 -30.13 -7.24
CA ASP A 460 0.95 -29.22 -8.38
C ASP A 460 -0.23 -29.65 -9.23
N ILE A 461 -1.39 -29.05 -8.98
CA ILE A 461 -2.60 -29.38 -9.70
C ILE A 461 -3.30 -28.07 -10.00
N ALA A 462 -4.05 -28.01 -11.09
CA ALA A 462 -4.75 -26.78 -11.44
C ALA A 462 -5.56 -26.29 -10.25
N GLY A 463 -5.45 -24.99 -9.98
CA GLY A 463 -6.19 -24.41 -8.88
C GLY A 463 -7.60 -24.11 -9.31
N PHE A 464 -8.41 -23.66 -8.36
CA PHE A 464 -9.80 -23.30 -8.60
C PHE A 464 -9.91 -22.38 -9.80
N GLU A 465 -11.00 -22.52 -10.56
CA GLU A 465 -11.22 -21.68 -11.73
C GLU A 465 -12.67 -21.76 -12.16
N ILE A 466 -13.23 -20.62 -12.54
CA ILE A 466 -14.63 -20.57 -12.97
C ILE A 466 -14.69 -20.04 -14.39
N PHE A 467 -15.58 -20.59 -15.19
CA PHE A 467 -15.71 -20.15 -16.57
C PHE A 467 -17.14 -19.76 -16.91
N ASP A 468 -17.34 -19.42 -18.17
CA ASP A 468 -18.65 -19.06 -18.67
C ASP A 468 -19.44 -20.37 -18.73
N PHE A 469 -18.72 -21.46 -18.96
CA PHE A 469 -19.32 -22.79 -19.03
C PHE A 469 -18.43 -23.76 -18.27
N ASN A 470 -18.88 -24.17 -17.09
CA ASN A 470 -18.12 -25.09 -16.27
C ASN A 470 -18.78 -26.45 -16.33
N SER A 471 -18.04 -27.45 -16.77
CA SER A 471 -18.61 -28.78 -16.88
C SER A 471 -18.17 -29.69 -15.76
N PHE A 472 -18.23 -30.98 -16.07
CA PHE A 472 -17.85 -32.03 -15.16
C PHE A 472 -16.39 -31.81 -14.78
N GLU A 473 -15.55 -31.63 -15.79
CA GLU A 473 -14.14 -31.42 -15.55
C GLU A 473 -13.93 -30.32 -14.51
N GLN A 474 -14.42 -29.11 -14.79
CA GLN A 474 -14.27 -28.01 -13.86
C GLN A 474 -14.68 -28.40 -12.43
N LEU A 475 -15.77 -29.16 -12.29
CA LEU A 475 -16.21 -29.57 -10.96
C LEU A 475 -15.12 -30.42 -10.32
N CYS A 476 -14.64 -31.41 -11.07
CA CYS A 476 -13.59 -32.29 -10.58
C CYS A 476 -12.42 -31.47 -10.04
N ILE A 477 -12.00 -30.46 -10.79
CA ILE A 477 -10.88 -29.63 -10.37
C ILE A 477 -11.24 -28.74 -9.19
N ASN A 478 -12.37 -28.04 -9.27
CA ASN A 478 -12.79 -27.17 -8.18
C ASN A 478 -13.05 -27.95 -6.90
N TYR A 479 -13.73 -29.08 -7.02
CA TYR A 479 -14.02 -29.92 -5.88
C TYR A 479 -12.70 -30.34 -5.21
N THR A 480 -11.67 -30.53 -6.01
CA THR A 480 -10.37 -30.92 -5.47
C THR A 480 -9.79 -29.77 -4.66
N ASN A 481 -9.47 -28.67 -5.32
CA ASN A 481 -8.92 -27.51 -4.64
C ASN A 481 -9.78 -27.21 -3.40
N GLU A 482 -11.05 -27.61 -3.47
CA GLU A 482 -11.99 -27.41 -2.38
C GLU A 482 -11.46 -28.10 -1.12
N ARG A 483 -11.08 -29.38 -1.24
CA ARG A 483 -10.52 -30.11 -0.11
C ARG A 483 -9.23 -29.37 0.23
N LEU A 484 -8.42 -29.18 -0.81
CA LEU A 484 -7.13 -28.50 -0.66
C LEU A 484 -7.25 -27.19 0.11
N GLN A 485 -8.15 -26.31 -0.30
CA GLN A 485 -8.31 -25.05 0.41
C GLN A 485 -8.72 -25.32 1.85
N GLN A 486 -9.62 -26.27 2.05
CA GLN A 486 -10.05 -26.61 3.41
C GLN A 486 -8.85 -27.06 4.23
N PHE A 487 -7.88 -27.65 3.54
CA PHE A 487 -6.67 -28.12 4.20
C PHE A 487 -5.89 -26.95 4.81
N PHE A 488 -5.83 -25.85 4.05
CA PHE A 488 -5.13 -24.64 4.48
C PHE A 488 -5.79 -24.02 5.70
N ASN A 489 -7.08 -23.71 5.56
CA ASN A 489 -7.83 -23.12 6.65
C ASN A 489 -7.55 -23.86 7.95
N HIS A 490 -7.64 -25.19 7.90
CA HIS A 490 -7.38 -26.01 9.09
C HIS A 490 -6.06 -25.58 9.68
N HIS A 491 -5.01 -25.61 8.86
CA HIS A 491 -3.67 -25.22 9.26
C HIS A 491 -3.69 -23.84 9.95
N MET A 492 -4.12 -22.82 9.22
CA MET A 492 -4.19 -21.47 9.77
C MET A 492 -4.83 -21.53 11.15
N PHE A 493 -5.92 -22.28 11.24
CA PHE A 493 -6.62 -22.43 12.50
C PHE A 493 -5.68 -22.93 13.60
N ILE A 494 -4.84 -23.91 13.26
CA ILE A 494 -3.91 -24.47 14.23
C ILE A 494 -2.87 -23.46 14.66
N LEU A 495 -2.28 -22.76 13.69
CA LEU A 495 -1.25 -21.77 13.97
C LEU A 495 -1.79 -20.63 14.81
N GLU A 496 -3.03 -20.23 14.55
CA GLU A 496 -3.65 -19.15 15.31
C GLU A 496 -3.75 -19.53 16.78
N GLN A 497 -4.30 -20.71 17.05
CA GLN A 497 -4.43 -21.18 18.42
C GLN A 497 -3.08 -21.17 19.14
N GLU A 498 -2.14 -21.98 18.67
CA GLU A 498 -0.84 -22.02 19.33
C GLU A 498 -0.29 -20.62 19.61
N GLU A 499 -0.68 -19.65 18.78
CA GLU A 499 -0.20 -18.29 19.03
C GLU A 499 -0.97 -17.75 20.23
N TYR A 500 -2.29 -17.75 20.14
CA TYR A 500 -3.10 -17.25 21.23
C TYR A 500 -2.71 -17.91 22.56
N LYS A 501 -2.65 -19.23 22.58
CA LYS A 501 -2.26 -19.94 23.78
C LYS A 501 -0.89 -19.43 24.23
N LYS A 502 -0.02 -19.15 23.26
CA LYS A 502 1.31 -18.66 23.56
C LYS A 502 1.21 -17.33 24.34
N GLU A 503 0.27 -16.48 23.95
CA GLU A 503 0.10 -15.18 24.58
C GLU A 503 -1.05 -15.13 25.59
N GLY A 504 -1.30 -16.24 26.27
CA GLY A 504 -2.37 -16.32 27.27
C GLY A 504 -3.71 -15.72 26.86
N ILE A 505 -3.86 -15.44 25.58
CA ILE A 505 -5.09 -14.84 25.07
C ILE A 505 -5.74 -15.71 23.99
N ALA A 506 -6.42 -16.79 24.40
CA ALA A 506 -7.10 -17.67 23.44
C ALA A 506 -8.60 -17.45 23.65
N TRP A 507 -9.40 -17.44 22.59
CA TRP A 507 -10.82 -17.15 22.80
C TRP A 507 -11.96 -17.90 22.06
N GLU A 508 -12.89 -17.11 21.50
CA GLU A 508 -14.06 -17.59 20.77
C GLU A 508 -13.65 -18.15 19.41
N PHE A 509 -13.47 -19.46 19.39
CA PHE A 509 -13.03 -20.19 18.21
C PHE A 509 -13.94 -21.33 17.79
N ILE A 510 -13.52 -21.90 16.66
CA ILE A 510 -14.06 -23.06 15.97
C ILE A 510 -13.24 -23.05 14.69
N ASP A 511 -12.84 -24.24 14.25
CA ASP A 511 -12.01 -24.43 13.06
C ASP A 511 -12.44 -23.64 11.81
N PHE A 512 -11.49 -23.41 10.91
CA PHE A 512 -11.79 -22.67 9.68
C PHE A 512 -12.37 -23.57 8.60
N GLY A 513 -12.00 -24.84 8.64
CA GLY A 513 -12.54 -25.79 7.69
C GLY A 513 -13.92 -26.11 8.24
N MET A 514 -14.85 -25.18 8.06
CA MET A 514 -16.21 -25.35 8.55
C MET A 514 -17.23 -25.36 7.42
N ASP A 515 -17.61 -24.19 6.91
CA ASP A 515 -18.59 -24.18 5.83
C ASP A 515 -17.91 -24.73 4.60
N LEU A 516 -16.64 -25.05 4.72
CA LEU A 516 -15.91 -25.64 3.60
C LEU A 516 -16.36 -27.09 3.51
N GLN A 517 -16.71 -27.66 4.65
CA GLN A 517 -17.16 -29.06 4.72
C GLN A 517 -18.50 -29.34 4.04
N MET A 518 -19.47 -28.43 4.14
CA MET A 518 -20.78 -28.69 3.54
C MET A 518 -20.70 -28.84 2.02
N CYS A 519 -20.11 -27.85 1.35
CA CYS A 519 -19.98 -27.94 -0.10
C CYS A 519 -19.32 -29.27 -0.44
N ILE A 520 -18.34 -29.64 0.38
CA ILE A 520 -17.61 -30.87 0.19
C ILE A 520 -18.51 -32.11 0.30
N ASP A 521 -19.33 -32.15 1.35
CA ASP A 521 -20.22 -33.30 1.52
C ASP A 521 -21.25 -33.35 0.40
N LEU A 522 -21.79 -32.19 0.03
CA LEU A 522 -22.77 -32.12 -1.05
C LEU A 522 -22.22 -32.85 -2.27
N ILE A 523 -20.89 -32.93 -2.36
CA ILE A 523 -20.26 -33.57 -3.51
C ILE A 523 -19.70 -34.98 -3.35
N GLU A 524 -18.90 -35.23 -2.32
CA GLU A 524 -18.31 -36.56 -2.15
C GLU A 524 -19.04 -37.56 -1.27
N LYS A 525 -19.83 -37.08 -0.31
CA LYS A 525 -20.55 -37.96 0.59
C LYS A 525 -21.61 -38.81 -0.12
N PRO A 526 -22.05 -39.91 0.50
CA PRO A 526 -23.05 -40.84 -0.03
C PRO A 526 -24.25 -40.25 -0.78
N MET A 527 -24.96 -39.29 -0.18
CA MET A 527 -26.09 -38.68 -0.87
C MET A 527 -25.59 -37.71 -1.94
N GLY A 528 -24.35 -37.26 -1.76
CA GLY A 528 -23.70 -36.31 -2.66
C GLY A 528 -23.99 -36.32 -4.14
N ILE A 529 -23.43 -35.34 -4.85
CA ILE A 529 -23.59 -35.18 -6.29
C ILE A 529 -22.88 -36.28 -7.06
N LEU A 530 -21.58 -36.43 -6.83
CA LEU A 530 -20.78 -37.44 -7.50
C LEU A 530 -21.38 -38.82 -7.24
N SER A 531 -22.13 -38.94 -6.16
CA SER A 531 -22.78 -40.20 -5.82
C SER A 531 -23.85 -40.50 -6.85
N ILE A 532 -24.69 -39.51 -7.09
CA ILE A 532 -25.77 -39.63 -8.06
C ILE A 532 -25.23 -39.89 -9.46
N LEU A 533 -24.06 -39.35 -9.76
CA LEU A 533 -23.46 -39.52 -11.08
C LEU A 533 -22.95 -40.95 -11.28
N GLU A 534 -22.25 -41.46 -10.29
CA GLU A 534 -21.70 -42.80 -10.37
C GLU A 534 -22.78 -43.88 -10.32
N GLU A 535 -23.88 -43.56 -9.65
CA GLU A 535 -25.00 -44.50 -9.55
C GLU A 535 -25.74 -44.54 -10.87
N GLU A 536 -26.12 -43.36 -11.36
CA GLU A 536 -26.84 -43.23 -12.62
C GLU A 536 -26.06 -43.77 -13.82
N CYS A 537 -24.80 -44.13 -13.62
CA CYS A 537 -24.00 -44.63 -14.74
C CYS A 537 -24.05 -46.14 -14.99
N MET A 538 -24.62 -46.88 -14.05
CA MET A 538 -24.73 -48.32 -14.21
C MET A 538 -25.99 -48.60 -15.03
N PHE A 539 -26.93 -47.65 -14.99
CA PHE A 539 -28.18 -47.76 -15.72
C PHE A 539 -27.96 -47.39 -17.20
N PRO A 540 -28.55 -48.17 -18.11
CA PRO A 540 -28.53 -48.09 -19.58
C PRO A 540 -29.06 -46.82 -20.24
N LYS A 541 -30.38 -46.71 -20.28
CA LYS A 541 -31.03 -45.56 -20.91
C LYS A 541 -31.28 -44.40 -19.97
N ALA A 542 -30.24 -44.02 -19.23
CA ALA A 542 -30.34 -42.88 -18.33
C ALA A 542 -29.84 -41.72 -19.17
N ASP A 543 -30.13 -40.50 -18.74
CA ASP A 543 -29.70 -39.33 -19.50
C ASP A 543 -29.58 -38.12 -18.60
N ASP A 544 -29.38 -36.96 -19.24
CA ASP A 544 -29.27 -35.70 -18.54
C ASP A 544 -30.48 -35.59 -17.62
N LYS A 545 -31.65 -35.50 -18.23
CA LYS A 545 -32.90 -35.37 -17.51
C LYS A 545 -33.06 -36.34 -16.34
N SER A 546 -32.63 -37.59 -16.52
CA SER A 546 -32.73 -38.56 -15.43
C SER A 546 -31.75 -38.20 -14.32
N PHE A 547 -30.52 -37.86 -14.72
CA PHE A 547 -29.48 -37.48 -13.77
C PHE A 547 -29.83 -36.14 -13.14
N GLN A 548 -30.32 -35.22 -13.96
CA GLN A 548 -30.71 -33.90 -13.52
C GLN A 548 -31.85 -34.07 -12.51
N ASP A 549 -32.84 -34.86 -12.89
CA ASP A 549 -33.98 -35.13 -12.01
C ASP A 549 -33.48 -35.53 -10.63
N LYS A 550 -32.78 -36.65 -10.58
CA LYS A 550 -32.25 -37.18 -9.33
C LYS A 550 -31.47 -36.15 -8.52
N LEU A 551 -30.70 -35.31 -9.22
CA LEU A 551 -29.93 -34.27 -8.54
C LEU A 551 -30.88 -33.34 -7.81
N TYR A 552 -31.68 -32.59 -8.55
CA TYR A 552 -32.64 -31.66 -7.95
C TYR A 552 -33.41 -32.41 -6.87
N GLN A 553 -33.89 -33.60 -7.22
CA GLN A 553 -34.65 -34.42 -6.30
C GLN A 553 -34.04 -34.50 -4.90
N ASN A 554 -32.90 -35.16 -4.78
CA ASN A 554 -32.23 -35.31 -3.49
C ASN A 554 -31.66 -34.03 -2.89
N HIS A 555 -31.13 -33.15 -3.73
CA HIS A 555 -30.49 -31.93 -3.24
C HIS A 555 -31.11 -30.56 -3.48
N MET A 556 -32.12 -30.44 -4.33
CA MET A 556 -32.71 -29.13 -4.57
C MET A 556 -33.60 -28.68 -3.42
N GLY A 557 -33.62 -27.37 -3.17
CA GLY A 557 -34.43 -26.82 -2.11
C GLY A 557 -34.29 -27.58 -0.81
N LYS A 558 -33.08 -28.03 -0.52
CA LYS A 558 -32.80 -28.77 0.70
C LYS A 558 -31.39 -28.48 1.18
N ASN A 559 -30.58 -27.96 0.25
CA ASN A 559 -29.20 -27.61 0.56
C ASN A 559 -28.96 -26.16 0.17
N ARG A 560 -28.38 -25.41 1.09
CA ARG A 560 -28.11 -24.00 0.86
C ARG A 560 -26.95 -23.79 -0.12
N MET A 561 -26.04 -24.75 -0.17
CA MET A 561 -24.89 -24.67 -1.07
C MET A 561 -25.32 -24.99 -2.50
N PHE A 562 -26.42 -25.73 -2.60
CA PHE A 562 -26.96 -26.15 -3.88
C PHE A 562 -28.21 -25.32 -4.20
N THR A 563 -28.06 -24.34 -5.10
CA THR A 563 -29.17 -23.48 -5.46
C THR A 563 -29.45 -23.55 -6.95
N LYS A 564 -30.59 -23.02 -7.37
CA LYS A 564 -30.94 -23.02 -8.78
C LYS A 564 -30.25 -21.85 -9.44
N PRO A 565 -29.92 -21.96 -10.73
CA PRO A 565 -29.27 -20.89 -11.46
C PRO A 565 -29.87 -19.49 -11.32
N GLY A 566 -29.01 -18.54 -10.96
CA GLY A 566 -29.38 -17.15 -10.87
C GLY A 566 -28.76 -16.76 -12.21
N LYS A 567 -28.94 -15.55 -12.71
CA LYS A 567 -28.34 -15.31 -14.02
C LYS A 567 -27.01 -14.54 -14.03
N PRO A 568 -26.28 -14.60 -15.16
CA PRO A 568 -24.99 -13.97 -15.46
C PRO A 568 -24.39 -12.82 -14.67
N THR A 569 -23.12 -13.03 -14.34
CA THR A 569 -22.29 -12.09 -13.61
C THR A 569 -21.08 -11.76 -14.49
N ARG A 570 -21.24 -11.95 -15.80
CA ARG A 570 -20.18 -11.69 -16.78
C ARG A 570 -20.70 -11.86 -18.22
N PRO A 571 -20.30 -10.95 -19.13
CA PRO A 571 -20.68 -10.92 -20.55
C PRO A 571 -20.78 -12.15 -21.47
N ASN A 572 -19.83 -13.09 -21.42
CA ASN A 572 -19.94 -14.25 -22.33
C ASN A 572 -20.29 -15.58 -21.67
N GLN A 573 -20.81 -15.53 -20.45
CA GLN A 573 -21.19 -16.73 -19.72
C GLN A 573 -22.22 -17.57 -20.49
N GLY A 574 -22.33 -18.85 -20.18
CA GLY A 574 -23.27 -19.71 -20.89
C GLY A 574 -24.21 -20.56 -20.06
N PRO A 575 -24.77 -21.63 -20.66
CA PRO A 575 -25.69 -22.56 -19.98
C PRO A 575 -25.29 -22.99 -18.58
N ALA A 576 -26.28 -23.45 -17.82
CA ALA A 576 -26.06 -23.90 -16.45
C ALA A 576 -27.32 -24.59 -15.93
N HIS A 577 -27.14 -25.49 -14.98
CA HIS A 577 -28.25 -26.24 -14.40
C HIS A 577 -28.25 -26.08 -12.88
N PHE A 578 -27.07 -25.98 -12.29
CA PHE A 578 -26.99 -25.81 -10.85
C PHE A 578 -25.77 -25.01 -10.39
N GLU A 579 -25.98 -24.25 -9.32
CA GLU A 579 -24.98 -23.39 -8.72
C GLU A 579 -24.41 -24.03 -7.47
N LEU A 580 -23.08 -24.20 -7.41
CA LEU A 580 -22.46 -24.79 -6.24
C LEU A 580 -21.71 -23.71 -5.46
N HIS A 581 -22.08 -23.54 -4.20
CA HIS A 581 -21.46 -22.52 -3.36
C HIS A 581 -20.08 -22.91 -2.85
N HIS A 582 -19.06 -22.70 -3.69
CA HIS A 582 -17.69 -22.99 -3.30
C HIS A 582 -17.19 -21.80 -2.49
N TYR A 583 -16.17 -22.02 -1.66
CA TYR A 583 -15.59 -20.96 -0.85
C TYR A 583 -15.16 -19.81 -1.75
N ALA A 584 -14.94 -20.13 -3.02
CA ALA A 584 -14.51 -19.16 -4.01
C ALA A 584 -15.69 -18.40 -4.62
N GLY A 585 -16.89 -18.89 -4.39
CA GLY A 585 -18.07 -18.25 -4.95
C GLY A 585 -18.98 -19.26 -5.59
N ASN A 586 -20.22 -18.86 -5.86
CA ASN A 586 -21.17 -19.78 -6.48
C ASN A 586 -20.80 -20.04 -7.93
N VAL A 587 -20.57 -21.32 -8.25
CA VAL A 587 -20.18 -21.72 -9.59
C VAL A 587 -21.27 -22.49 -10.36
N PRO A 588 -21.68 -21.96 -11.52
CA PRO A 588 -22.71 -22.52 -12.41
C PRO A 588 -22.23 -23.72 -13.23
N TYR A 589 -22.62 -24.92 -12.79
CA TYR A 589 -22.22 -26.15 -13.48
C TYR A 589 -23.37 -26.70 -14.32
N SER A 590 -23.10 -27.03 -15.57
CA SER A 590 -24.10 -27.61 -16.44
C SER A 590 -23.75 -29.09 -16.57
N ILE A 591 -24.67 -29.94 -16.16
CA ILE A 591 -24.49 -31.38 -16.16
C ILE A 591 -24.61 -32.08 -17.51
N THR A 592 -24.70 -31.30 -18.58
CA THR A 592 -24.80 -31.86 -19.92
C THR A 592 -23.56 -32.64 -20.32
N GLY A 593 -23.69 -33.95 -20.43
CA GLY A 593 -22.56 -34.79 -20.84
C GLY A 593 -21.91 -35.60 -19.74
N TRP A 594 -22.07 -35.17 -18.50
CA TRP A 594 -21.46 -35.86 -17.37
C TRP A 594 -21.56 -37.38 -17.42
N LEU A 595 -22.73 -37.91 -17.74
CA LEU A 595 -22.89 -39.37 -17.81
C LEU A 595 -21.93 -40.05 -18.78
N GLU A 596 -21.85 -39.57 -20.01
CA GLU A 596 -20.96 -40.17 -20.99
C GLU A 596 -19.50 -39.98 -20.58
N LYS A 597 -19.19 -38.82 -20.00
CA LYS A 597 -17.84 -38.49 -19.57
C LYS A 597 -17.32 -39.31 -18.41
N ASN A 598 -18.15 -39.50 -17.39
CA ASN A 598 -17.73 -40.25 -16.21
C ASN A 598 -17.31 -41.68 -16.56
N LYS A 599 -18.17 -42.42 -17.23
CA LYS A 599 -17.85 -43.80 -17.60
C LYS A 599 -17.32 -43.81 -19.04
N ASP A 600 -16.30 -44.62 -19.29
CA ASP A 600 -15.66 -44.69 -20.59
C ASP A 600 -16.03 -45.89 -21.48
N PRO A 601 -17.12 -45.75 -22.28
CA PRO A 601 -17.54 -46.83 -23.17
C PRO A 601 -16.44 -47.35 -24.07
N ILE A 602 -16.24 -48.65 -24.03
CA ILE A 602 -15.22 -49.31 -24.83
C ILE A 602 -15.60 -50.77 -24.94
N ASN A 603 -15.48 -51.30 -26.16
CA ASN A 603 -15.79 -52.69 -26.42
C ASN A 603 -15.24 -53.59 -25.34
N GLU A 604 -16.11 -54.09 -24.48
CA GLU A 604 -15.68 -55.00 -23.43
C GLU A 604 -15.03 -56.14 -24.19
N ASN A 605 -15.30 -56.16 -25.49
CA ASN A 605 -14.79 -57.17 -26.41
C ASN A 605 -13.37 -56.84 -26.88
N VAL A 606 -13.20 -55.67 -27.50
CA VAL A 606 -11.89 -55.25 -27.99
C VAL A 606 -10.87 -55.50 -26.89
N VAL A 607 -11.24 -55.08 -25.68
CA VAL A 607 -10.39 -55.23 -24.51
C VAL A 607 -9.98 -56.68 -24.33
N ALA A 608 -10.94 -57.60 -24.50
CA ALA A 608 -10.66 -59.01 -24.36
C ALA A 608 -9.59 -59.44 -25.36
N LEU A 609 -9.66 -58.85 -26.56
CA LEU A 609 -8.71 -59.17 -27.62
C LEU A 609 -7.33 -58.57 -27.35
N LEU A 610 -7.31 -57.31 -26.94
CA LEU A 610 -6.05 -56.65 -26.63
C LEU A 610 -5.53 -57.23 -25.32
N GLY A 611 -6.41 -57.89 -24.59
CA GLY A 611 -6.00 -58.51 -23.35
C GLY A 611 -5.09 -59.63 -23.79
N ALA A 612 -5.54 -60.34 -24.82
CA ALA A 612 -4.79 -61.46 -25.37
C ALA A 612 -3.86 -61.05 -26.51
N SER A 613 -3.38 -59.82 -26.48
CA SER A 613 -2.46 -59.36 -27.51
C SER A 613 -1.14 -60.08 -27.31
N LYS A 614 -0.33 -60.16 -28.37
CA LYS A 614 0.95 -60.82 -28.26
C LYS A 614 2.03 -59.82 -27.90
N GLU A 615 1.71 -58.53 -28.01
CA GLU A 615 2.67 -57.50 -27.65
C GLU A 615 2.66 -57.37 -26.13
N PRO A 616 3.80 -57.68 -25.49
CA PRO A 616 3.98 -57.61 -24.03
C PRO A 616 3.42 -56.40 -23.28
N LEU A 617 3.55 -55.19 -23.84
CA LEU A 617 3.03 -54.01 -23.16
C LEU A 617 1.52 -53.89 -23.30
N VAL A 618 1.02 -53.98 -24.54
CA VAL A 618 -0.41 -53.88 -24.76
C VAL A 618 -1.08 -54.84 -23.77
N ALA A 619 -0.38 -55.94 -23.49
CA ALA A 619 -0.87 -56.96 -22.56
C ALA A 619 -1.09 -56.40 -21.16
N GLU A 620 -0.07 -55.75 -20.60
CA GLU A 620 -0.20 -55.16 -19.27
C GLU A 620 -1.32 -54.15 -19.30
N LEU A 621 -1.34 -53.37 -20.37
CA LEU A 621 -2.32 -52.32 -20.55
C LEU A 621 -3.78 -52.76 -20.48
N PHE A 622 -4.07 -54.02 -20.80
CA PHE A 622 -5.46 -54.48 -20.76
C PHE A 622 -5.71 -55.80 -20.02
N LYS A 623 -5.06 -56.01 -18.88
CA LYS A 623 -5.27 -57.24 -18.13
C LYS A 623 -6.53 -57.15 -17.28
N ALA A 624 -7.12 -58.30 -16.96
CA ALA A 624 -8.37 -58.36 -16.18
C ALA A 624 -8.26 -58.39 -14.64
N PRO A 625 -9.00 -57.48 -13.97
CA PRO A 625 -9.16 -57.21 -12.54
C PRO A 625 -9.65 -58.32 -11.60
N GLU A 626 -10.91 -58.18 -11.17
CA GLU A 626 -11.55 -59.11 -10.26
C GLU A 626 -12.91 -59.56 -10.80
N GLN A 643 -14.54 -49.10 -12.36
CA GLN A 643 -13.95 -47.86 -11.90
C GLN A 643 -14.23 -46.71 -12.88
N THR A 644 -15.04 -45.77 -12.42
CA THR A 644 -15.41 -44.58 -13.20
C THR A 644 -14.47 -43.46 -12.80
N ILE A 645 -14.34 -42.47 -13.67
CA ILE A 645 -13.48 -41.33 -13.38
C ILE A 645 -13.75 -40.78 -11.99
N SER A 646 -14.96 -40.26 -11.78
CA SER A 646 -15.36 -39.71 -10.49
C SER A 646 -15.01 -40.61 -9.31
N ALA A 647 -15.22 -41.92 -9.47
CA ALA A 647 -14.96 -42.88 -8.40
C ALA A 647 -13.48 -43.16 -8.21
N VAL A 648 -12.70 -42.99 -9.27
CA VAL A 648 -11.28 -43.21 -9.18
C VAL A 648 -10.66 -42.03 -8.45
N HIS A 649 -10.99 -40.83 -8.91
CA HIS A 649 -10.44 -39.62 -8.33
C HIS A 649 -10.70 -39.42 -6.85
N ARG A 650 -11.95 -39.50 -6.43
CA ARG A 650 -12.23 -39.28 -5.03
C ARG A 650 -11.48 -40.30 -4.19
N GLU A 651 -11.09 -41.41 -4.79
CA GLU A 651 -10.36 -42.44 -4.06
C GLU A 651 -8.91 -41.99 -3.91
N SER A 652 -8.25 -41.68 -5.02
CA SER A 652 -6.86 -41.26 -4.97
C SER A 652 -6.73 -39.86 -4.39
N LEU A 653 -7.85 -39.20 -4.12
CA LEU A 653 -7.81 -37.87 -3.53
C LEU A 653 -7.80 -38.13 -2.04
N ASN A 654 -8.59 -39.11 -1.62
CA ASN A 654 -8.66 -39.48 -0.22
C ASN A 654 -7.26 -39.85 0.22
N LYS A 655 -6.54 -40.53 -0.68
CA LYS A 655 -5.18 -40.94 -0.42
C LYS A 655 -4.35 -39.70 -0.15
N LEU A 656 -4.34 -38.81 -1.13
CA LEU A 656 -3.60 -37.56 -1.04
C LEU A 656 -3.87 -36.85 0.30
N MET A 657 -5.06 -36.29 0.47
CA MET A 657 -5.38 -35.57 1.70
C MET A 657 -4.93 -36.29 2.97
N LYS A 658 -5.09 -37.61 3.03
CA LYS A 658 -4.67 -38.33 4.23
C LYS A 658 -3.17 -38.14 4.41
N ASN A 659 -2.45 -37.97 3.31
CA ASN A 659 -1.01 -37.74 3.37
C ASN A 659 -0.76 -36.29 3.80
N LEU A 660 -1.23 -35.35 2.98
CA LEU A 660 -1.08 -33.93 3.26
C LEU A 660 -1.34 -33.57 4.73
N TYR A 661 -2.35 -34.19 5.33
CA TYR A 661 -2.68 -33.90 6.72
C TYR A 661 -1.67 -34.47 7.70
N SER A 662 -0.82 -35.36 7.21
CA SER A 662 0.20 -35.96 8.06
C SER A 662 1.53 -35.32 7.73
N THR A 663 1.48 -34.06 7.29
CA THR A 663 2.69 -33.32 6.94
C THR A 663 2.61 -31.85 7.33
N HIS A 664 3.70 -31.14 7.07
CA HIS A 664 3.79 -29.72 7.37
C HIS A 664 3.73 -28.92 6.08
N PRO A 665 2.60 -28.23 5.85
CA PRO A 665 2.29 -27.39 4.70
C PRO A 665 3.23 -26.23 4.41
N HIS A 666 3.06 -25.69 3.21
CA HIS A 666 3.81 -24.57 2.67
C HIS A 666 2.94 -24.27 1.45
N PHE A 667 2.62 -23.00 1.20
CA PHE A 667 1.77 -22.72 0.06
C PHE A 667 2.33 -21.72 -0.94
N VAL A 668 2.43 -22.14 -2.19
CA VAL A 668 2.96 -21.31 -3.26
C VAL A 668 1.87 -21.02 -4.28
N ARG A 669 1.38 -19.78 -4.29
CA ARG A 669 0.31 -19.38 -5.20
C ARG A 669 0.83 -18.73 -6.48
N CYS A 670 0.71 -19.46 -7.61
CA CYS A 670 1.16 -18.96 -8.90
C CYS A 670 0.09 -18.07 -9.54
N ILE A 671 0.51 -16.98 -10.17
CA ILE A 671 -0.42 -16.05 -10.78
C ILE A 671 -0.02 -15.51 -12.15
N ILE A 672 -0.95 -15.52 -13.11
CA ILE A 672 -0.65 -14.98 -14.43
C ILE A 672 -1.02 -13.51 -14.47
N PRO A 673 -0.06 -12.66 -14.86
CA PRO A 673 -0.27 -11.22 -14.95
C PRO A 673 -1.28 -10.85 -16.02
N ASN A 674 -1.08 -11.36 -17.22
CA ASN A 674 -1.97 -11.05 -18.34
C ASN A 674 -2.12 -12.20 -19.31
N GLU A 675 -2.98 -12.00 -20.30
CA GLU A 675 -3.24 -13.00 -21.32
C GLU A 675 -2.48 -12.61 -22.59
N LEU A 676 -1.20 -12.32 -22.45
CA LEU A 676 -0.37 -11.91 -23.58
C LEU A 676 1.09 -12.35 -23.45
N LYS A 677 1.39 -13.13 -22.40
CA LYS A 677 2.75 -13.59 -22.15
C LYS A 677 3.70 -12.41 -22.12
N GLN A 678 3.13 -11.21 -22.06
CA GLN A 678 3.85 -9.94 -22.02
C GLN A 678 4.36 -9.67 -20.61
N PRO A 679 5.68 -9.44 -20.47
CA PRO A 679 6.19 -9.17 -19.12
C PRO A 679 5.83 -7.76 -18.64
N GLY A 680 5.55 -7.63 -17.35
CA GLY A 680 5.20 -6.33 -16.81
C GLY A 680 3.74 -5.98 -16.93
N LEU A 681 3.08 -6.47 -17.98
CA LEU A 681 1.68 -6.19 -18.17
C LEU A 681 0.86 -6.83 -17.06
N VAL A 682 0.02 -6.03 -16.41
CA VAL A 682 -0.80 -6.53 -15.33
C VAL A 682 -2.28 -6.26 -15.56
N ASP A 683 -3.04 -7.34 -15.74
CA ASP A 683 -4.48 -7.26 -15.97
C ASP A 683 -5.17 -7.42 -14.61
N ALA A 684 -5.65 -6.31 -14.08
CA ALA A 684 -6.31 -6.27 -12.78
C ALA A 684 -7.42 -7.30 -12.57
N GLU A 685 -8.45 -7.27 -13.42
CA GLU A 685 -9.55 -8.20 -13.29
C GLU A 685 -9.01 -9.62 -13.19
N LEU A 686 -8.06 -9.94 -14.07
CA LEU A 686 -7.44 -11.26 -14.10
C LEU A 686 -6.73 -11.59 -12.78
N VAL A 687 -5.94 -10.66 -12.26
CA VAL A 687 -5.23 -10.91 -11.00
C VAL A 687 -6.22 -10.95 -9.83
N LEU A 688 -7.10 -9.96 -9.76
CA LEU A 688 -8.09 -9.90 -8.69
C LEU A 688 -8.85 -11.22 -8.64
N HIS A 689 -9.19 -11.71 -9.83
CA HIS A 689 -9.91 -12.97 -9.98
C HIS A 689 -9.15 -14.07 -9.26
N GLN A 690 -7.95 -14.34 -9.76
CA GLN A 690 -7.10 -15.38 -9.19
C GLN A 690 -7.10 -15.27 -7.66
N LEU A 691 -6.65 -14.14 -7.14
CA LEU A 691 -6.61 -13.91 -5.70
C LEU A 691 -7.85 -14.43 -4.98
N GLN A 692 -9.01 -14.22 -5.60
CA GLN A 692 -10.29 -14.67 -5.04
C GLN A 692 -10.28 -16.18 -4.82
N CYS A 693 -10.13 -16.93 -5.90
CA CYS A 693 -10.10 -18.39 -5.83
C CYS A 693 -8.68 -18.88 -5.59
N ASN A 694 -7.76 -17.93 -5.46
CA ASN A 694 -6.36 -18.23 -5.24
C ASN A 694 -6.18 -18.86 -3.86
N GLY A 695 -6.83 -18.23 -2.88
CA GLY A 695 -6.73 -18.69 -1.51
C GLY A 695 -6.31 -17.54 -0.62
N VAL A 696 -5.72 -16.50 -1.23
CA VAL A 696 -5.26 -15.34 -0.48
C VAL A 696 -6.37 -14.56 0.20
N LEU A 697 -7.32 -14.07 -0.58
CA LEU A 697 -8.42 -13.28 -0.02
C LEU A 697 -9.22 -14.01 1.05
N GLU A 698 -9.29 -15.33 0.95
CA GLU A 698 -10.00 -16.09 1.96
C GLU A 698 -9.02 -16.21 3.14
N GLY A 699 -7.75 -16.45 2.83
CA GLY A 699 -6.76 -16.56 3.88
C GLY A 699 -6.78 -15.31 4.73
N ILE A 700 -7.18 -14.19 4.10
CA ILE A 700 -7.28 -12.90 4.77
C ILE A 700 -8.52 -12.89 5.64
N ARG A 701 -9.61 -13.38 5.06
CA ARG A 701 -10.90 -13.43 5.71
C ARG A 701 -10.95 -14.38 6.90
N ILE A 702 -10.57 -15.64 6.71
CA ILE A 702 -10.63 -16.56 7.85
C ILE A 702 -9.72 -15.99 8.92
N CYS A 703 -8.64 -15.34 8.50
CA CYS A 703 -7.68 -14.76 9.44
C CYS A 703 -8.16 -13.44 10.05
N ARG A 704 -9.04 -12.73 9.35
CA ARG A 704 -9.57 -11.47 9.84
C ARG A 704 -10.42 -11.59 11.10
N LYS A 705 -11.12 -12.72 11.25
CA LYS A 705 -11.98 -12.95 12.41
C LYS A 705 -11.25 -13.15 13.73
N GLY A 706 -9.92 -13.12 13.68
CA GLY A 706 -9.14 -13.26 14.90
C GLY A 706 -8.58 -11.88 15.19
N PHE A 707 -7.32 -11.80 15.58
CA PHE A 707 -6.72 -10.50 15.84
C PHE A 707 -5.49 -10.32 14.99
N PRO A 708 -5.71 -10.06 13.70
CA PRO A 708 -4.71 -9.84 12.65
C PRO A 708 -3.56 -8.99 13.12
N SER A 709 -3.67 -7.68 12.87
CA SER A 709 -2.65 -6.73 13.25
C SER A 709 -2.29 -6.94 14.70
N ARG A 710 -1.02 -7.18 14.96
CA ARG A 710 -0.55 -7.40 16.32
C ARG A 710 0.86 -6.87 16.49
N LEU A 711 1.03 -5.97 17.44
CA LEU A 711 2.33 -5.38 17.71
C LEU A 711 2.82 -5.85 19.07
N ILE A 712 4.11 -5.69 19.30
CA ILE A 712 4.72 -6.07 20.56
C ILE A 712 4.90 -4.78 21.38
N TYR A 713 4.36 -4.79 22.59
CA TYR A 713 4.41 -3.64 23.50
C TYR A 713 5.50 -2.60 23.29
N SER A 714 6.71 -3.03 22.97
CA SER A 714 7.79 -2.08 22.75
C SER A 714 7.35 -1.15 21.62
N GLU A 715 7.21 -1.72 20.43
CA GLU A 715 6.79 -0.96 19.26
C GLU A 715 5.53 -0.16 19.54
N PHE A 716 4.61 -0.72 20.32
CA PHE A 716 3.38 -0.01 20.62
C PHE A 716 3.71 1.28 21.35
N LYS A 717 4.60 1.19 22.34
CA LYS A 717 4.96 2.37 23.10
C LYS A 717 5.57 3.46 22.23
N GLN A 718 6.65 3.16 21.53
CA GLN A 718 7.31 4.16 20.70
C GLN A 718 6.46 4.68 19.55
N ARG A 719 5.29 4.10 19.34
CA ARG A 719 4.41 4.55 18.26
C ARG A 719 3.20 5.29 18.78
N TYR A 720 2.58 4.76 19.84
CA TYR A 720 1.37 5.37 20.36
C TYR A 720 1.41 6.00 21.74
N SER A 721 2.58 6.45 22.17
CA SER A 721 2.68 7.13 23.45
C SER A 721 2.12 8.52 23.16
N ILE A 722 2.39 8.99 21.94
CA ILE A 722 1.93 10.29 21.48
C ILE A 722 0.45 10.47 21.71
N LEU A 723 -0.28 9.36 21.78
CA LEU A 723 -1.71 9.41 22.01
C LEU A 723 -2.08 9.62 23.48
N ALA A 724 -1.13 9.37 24.38
CA ALA A 724 -1.39 9.53 25.81
C ALA A 724 -0.17 9.91 26.66
N PRO A 725 0.50 11.02 26.32
CA PRO A 725 1.68 11.49 27.06
C PRO A 725 1.39 11.82 28.52
N ASN A 726 0.34 12.62 28.72
CA ASN A 726 -0.05 13.06 30.06
C ASN A 726 -0.53 11.95 30.99
N ALA A 727 -0.35 10.70 30.58
CA ALA A 727 -0.77 9.57 31.40
C ALA A 727 0.37 8.65 31.81
N ILE A 728 1.48 8.77 31.10
CA ILE A 728 2.63 7.93 31.38
C ILE A 728 3.44 8.40 32.58
N PRO A 729 3.33 7.70 33.73
CA PRO A 729 4.13 8.15 34.86
C PRO A 729 5.50 8.35 34.23
N GLN A 730 6.39 9.09 34.88
CA GLN A 730 7.65 9.39 34.19
C GLN A 730 8.96 8.72 34.59
N GLY A 731 9.25 7.56 34.01
CA GLY A 731 10.50 6.86 34.32
C GLY A 731 10.90 5.57 33.61
N PHE A 732 10.43 5.35 32.38
CA PHE A 732 10.77 4.15 31.57
C PHE A 732 9.98 2.89 31.95
N VAL A 733 8.73 3.06 32.39
CA VAL A 733 7.87 1.97 32.81
C VAL A 733 7.74 0.79 31.83
N ASP A 734 7.27 -0.33 32.35
CA ASP A 734 7.10 -1.55 31.57
C ASP A 734 6.13 -1.36 30.39
N GLY A 735 6.56 -1.81 29.22
CA GLY A 735 5.84 -1.67 27.96
C GLY A 735 4.40 -2.11 27.80
N LYS A 736 3.90 -2.93 28.71
CA LYS A 736 2.53 -3.40 28.64
C LYS A 736 1.70 -2.42 29.46
N THR A 737 2.36 -1.78 30.42
CA THR A 737 1.70 -0.80 31.28
C THR A 737 1.54 0.47 30.48
N VAL A 738 2.58 0.85 29.75
CA VAL A 738 2.53 2.03 28.91
C VAL A 738 1.35 1.80 28.00
N SER A 739 1.32 0.60 27.41
CA SER A 739 0.27 0.19 26.50
C SER A 739 -1.07 -0.03 27.20
N GLU A 740 -1.04 -0.72 28.33
CA GLU A 740 -2.26 -0.96 29.09
C GLU A 740 -2.90 0.39 29.35
N LYS A 741 -2.05 1.41 29.47
CA LYS A 741 -2.54 2.76 29.73
C LYS A 741 -2.98 3.48 28.46
N ILE A 742 -2.11 3.58 27.46
CA ILE A 742 -2.49 4.28 26.23
C ILE A 742 -3.87 3.82 25.76
N LEU A 743 -4.10 2.52 25.78
CA LEU A 743 -5.37 1.96 25.36
C LEU A 743 -6.45 2.38 26.35
N ALA A 744 -6.22 2.08 27.62
CA ALA A 744 -7.16 2.42 28.68
C ALA A 744 -7.53 3.90 28.58
N GLY A 745 -6.52 4.76 28.56
CA GLY A 745 -6.75 6.18 28.45
C GLY A 745 -7.39 6.58 27.13
N LEU A 746 -7.08 5.81 26.08
CA LEU A 746 -7.62 6.08 24.76
C LEU A 746 -9.12 5.77 24.65
N GLN A 747 -9.69 5.25 25.74
CA GLN A 747 -11.09 4.86 25.77
C GLN A 747 -11.25 3.67 24.85
N MET A 748 -10.21 2.85 24.80
CA MET A 748 -10.17 1.65 23.96
C MET A 748 -11.19 0.60 24.32
N ASP A 749 -12.06 0.29 23.36
CA ASP A 749 -13.08 -0.72 23.55
C ASP A 749 -12.44 -2.10 23.61
N PRO A 750 -12.70 -2.83 24.71
CA PRO A 750 -12.17 -4.17 24.93
C PRO A 750 -12.29 -5.12 23.75
N ALA A 751 -13.33 -4.95 22.94
CA ALA A 751 -13.53 -5.79 21.77
C ALA A 751 -12.39 -5.59 20.77
N GLU A 752 -12.23 -4.34 20.33
CA GLU A 752 -11.21 -3.97 19.35
C GLU A 752 -9.82 -4.58 19.57
N TYR A 753 -9.46 -4.85 20.82
CA TYR A 753 -8.13 -5.40 21.10
C TYR A 753 -8.13 -6.48 22.16
N ARG A 754 -6.94 -7.04 22.39
CA ARG A 754 -6.72 -8.06 23.41
C ARG A 754 -5.20 -8.14 23.64
N LEU A 755 -4.83 -8.18 24.92
CA LEU A 755 -3.44 -8.16 25.36
C LEU A 755 -2.69 -9.48 25.59
N GLY A 756 -1.66 -9.72 24.77
CA GLY A 756 -0.88 -10.93 24.93
C GLY A 756 0.06 -10.76 26.10
N THR A 757 1.11 -11.57 26.18
CA THR A 757 2.08 -11.45 27.27
C THR A 757 3.36 -10.90 26.68
N THR A 758 3.48 -11.04 25.37
CA THR A 758 4.66 -10.57 24.64
C THR A 758 4.26 -9.45 23.69
N LYS A 759 3.01 -9.49 23.23
CA LYS A 759 2.52 -8.48 22.31
C LYS A 759 1.02 -8.25 22.41
N VAL A 760 0.58 -7.14 21.83
CA VAL A 760 -0.84 -6.76 21.83
C VAL A 760 -1.48 -7.00 20.47
N PHE A 761 -2.59 -7.73 20.48
CA PHE A 761 -3.32 -8.03 19.25
C PHE A 761 -4.40 -6.98 19.04
N PHE A 762 -4.82 -6.80 17.80
CA PHE A 762 -5.85 -5.82 17.46
C PHE A 762 -6.73 -6.33 16.34
N LYS A 763 -8.01 -6.00 16.40
CA LYS A 763 -8.92 -6.38 15.35
C LYS A 763 -8.40 -5.67 14.09
N ALA A 764 -8.78 -6.15 12.92
CA ALA A 764 -8.30 -5.55 11.67
C ALA A 764 -8.63 -4.08 11.50
N GLY A 765 -7.70 -3.35 10.89
CA GLY A 765 -7.89 -1.93 10.64
C GLY A 765 -8.01 -0.99 11.83
N VAL A 766 -7.75 -1.49 13.03
CA VAL A 766 -7.83 -0.62 14.18
C VAL A 766 -6.57 0.22 14.22
N LEU A 767 -5.43 -0.41 13.97
CA LEU A 767 -4.17 0.29 13.95
C LEU A 767 -4.36 1.44 12.98
N GLY A 768 -5.28 1.24 12.04
CA GLY A 768 -5.58 2.29 11.07
C GLY A 768 -6.03 3.52 11.82
N ASN A 769 -7.07 3.37 12.65
CA ASN A 769 -7.57 4.50 13.41
C ASN A 769 -6.48 5.02 14.34
N LEU A 770 -5.75 4.12 14.97
CA LEU A 770 -4.67 4.51 15.86
C LEU A 770 -3.61 5.31 15.11
N GLU A 771 -3.58 5.15 13.79
CA GLU A 771 -2.63 5.87 12.97
C GLU A 771 -3.08 7.30 12.76
N GLU A 772 -4.26 7.46 12.18
CA GLU A 772 -4.83 8.78 11.93
C GLU A 772 -4.82 9.57 13.22
N MET A 773 -5.28 8.93 14.29
CA MET A 773 -5.33 9.58 15.58
C MET A 773 -3.92 9.96 16.01
N ARG A 774 -2.94 9.26 15.45
CA ARG A 774 -1.55 9.55 15.80
C ARG A 774 -1.03 10.75 15.02
N ASP A 775 -1.43 10.87 13.76
CA ASP A 775 -0.94 12.00 12.98
C ASP A 775 -1.62 13.31 13.34
N GLU A 776 -2.92 13.29 13.59
CA GLU A 776 -3.62 14.52 13.99
C GLU A 776 -2.86 15.10 15.17
N ARG A 777 -2.77 14.32 16.24
CA ARG A 777 -2.08 14.74 17.44
C ARG A 777 -0.65 15.20 17.20
N LEU A 778 0.18 14.33 16.62
CA LEU A 778 1.56 14.72 16.36
C LEU A 778 1.61 16.11 15.74
N SER A 779 0.80 16.31 14.71
CA SER A 779 0.76 17.59 14.03
C SER A 779 0.38 18.67 15.03
N LYS A 780 -0.75 18.49 15.72
CA LYS A 780 -1.21 19.48 16.68
C LYS A 780 -0.15 19.74 17.75
N ILE A 781 0.48 18.69 18.26
CA ILE A 781 1.52 18.89 19.27
C ILE A 781 2.57 19.83 18.69
N ILE A 782 3.14 19.43 17.55
CA ILE A 782 4.16 20.26 16.89
C ILE A 782 3.69 21.70 16.88
N SER A 783 2.53 21.93 16.29
CA SER A 783 1.97 23.27 16.19
C SER A 783 1.82 23.94 17.55
N MET A 784 1.42 23.18 18.56
CA MET A 784 1.28 23.77 19.87
C MET A 784 2.65 24.19 20.34
N PHE A 785 3.67 23.51 19.87
CA PHE A 785 5.01 23.90 20.26
C PHE A 785 5.36 25.13 19.44
N GLN A 786 5.11 25.07 18.13
CA GLN A 786 5.39 26.21 17.27
C GLN A 786 4.67 27.45 17.81
N ALA A 787 3.51 27.23 18.43
CA ALA A 787 2.72 28.31 18.99
C ALA A 787 3.26 28.78 20.34
N HIS A 788 3.99 27.91 21.02
CA HIS A 788 4.57 28.25 22.31
C HIS A 788 5.81 29.08 22.04
N ILE A 789 6.47 28.77 20.92
CA ILE A 789 7.67 29.48 20.50
C ILE A 789 7.30 30.89 20.06
N ARG A 790 6.25 31.01 19.25
CA ARG A 790 5.81 32.32 18.79
C ARG A 790 5.44 33.15 20.02
N GLY A 791 4.87 32.49 21.03
CA GLY A 791 4.50 33.19 22.25
C GLY A 791 5.72 33.68 22.99
N TYR A 792 6.78 32.87 22.96
CA TYR A 792 8.03 33.21 23.61
C TYR A 792 8.59 34.48 22.97
N LEU A 793 8.64 34.50 21.64
CA LEU A 793 9.16 35.68 20.94
C LEU A 793 8.39 36.93 21.32
N ILE A 794 7.18 37.12 20.76
CA ILE A 794 6.35 38.28 21.05
C ILE A 794 6.51 38.76 22.49
N ARG A 795 6.22 37.87 23.42
CA ARG A 795 6.31 38.15 24.85
C ARG A 795 7.62 38.85 25.22
N LYS A 796 8.69 38.48 24.52
CA LYS A 796 10.02 39.04 24.77
C LYS A 796 10.15 40.46 24.25
N ALA A 797 9.43 40.76 23.18
CA ALA A 797 9.48 42.09 22.58
C ALA A 797 8.52 43.05 23.28
N TYR A 798 7.62 42.50 24.09
CA TYR A 798 6.65 43.32 24.80
C TYR A 798 7.39 44.41 25.55
N LYS A 799 8.31 44.00 26.40
CA LYS A 799 9.08 44.93 27.20
C LYS A 799 9.60 46.11 26.39
N LYS A 800 10.06 45.84 25.17
CA LYS A 800 10.58 46.92 24.33
C LYS A 800 9.46 47.79 23.75
N LEU A 801 8.31 47.19 23.45
CA LEU A 801 7.19 47.95 22.91
C LEU A 801 6.63 48.88 23.98
N GLN A 802 6.63 48.44 25.23
CA GLN A 802 6.14 49.27 26.31
C GLN A 802 7.03 50.51 26.34
N ASP A 803 8.33 50.27 26.28
CA ASP A 803 9.33 51.34 26.28
C ASP A 803 9.21 52.26 25.07
N GLN A 804 9.44 51.70 23.89
CA GLN A 804 9.38 52.47 22.65
C GLN A 804 8.16 53.37 22.54
N ARG A 805 7.10 53.07 23.30
CA ARG A 805 5.90 53.89 23.25
C ARG A 805 6.20 55.28 23.79
N ILE A 806 6.61 55.34 25.06
CA ILE A 806 6.97 56.61 25.66
C ILE A 806 7.97 57.24 24.69
N GLY A 807 8.84 56.39 24.15
CA GLY A 807 9.82 56.87 23.20
C GLY A 807 9.15 57.67 22.10
N LEU A 808 8.49 56.99 21.18
CA LEU A 808 7.82 57.67 20.08
C LEU A 808 6.83 58.72 20.58
N SER A 809 6.29 58.53 21.77
CA SER A 809 5.35 59.49 22.33
C SER A 809 6.03 60.84 22.50
N VAL A 810 7.28 60.79 22.95
CA VAL A 810 8.08 62.00 23.14
C VAL A 810 8.31 62.56 21.74
N ILE A 811 9.07 61.81 20.95
CA ILE A 811 9.41 62.16 19.58
C ILE A 811 8.27 62.87 18.84
N GLN A 812 7.08 62.28 18.91
CA GLN A 812 5.95 62.85 18.22
C GLN A 812 5.49 64.19 18.78
N ARG A 813 5.25 64.23 20.09
CA ARG A 813 4.79 65.44 20.75
C ARG A 813 5.73 66.63 20.56
N ASN A 814 7.00 66.46 20.90
CA ASN A 814 7.96 67.55 20.76
C ASN A 814 8.01 68.07 19.32
N ILE A 815 8.17 67.17 18.35
CA ILE A 815 8.19 67.58 16.96
C ILE A 815 6.98 68.46 16.69
N ARG A 816 5.91 68.25 17.45
CA ARG A 816 4.70 69.03 17.26
C ARG A 816 4.74 70.39 17.92
N LYS A 817 5.46 70.51 19.02
CA LYS A 817 5.57 71.79 19.70
C LYS A 817 6.41 72.68 18.77
N TRP A 818 7.57 72.16 18.39
CA TRP A 818 8.51 72.83 17.50
C TRP A 818 7.82 73.38 16.25
N LEU A 819 6.86 72.62 15.73
CA LEU A 819 6.15 73.03 14.53
C LEU A 819 5.21 74.20 14.80
N VAL A 820 4.52 74.18 15.93
CA VAL A 820 3.62 75.28 16.24
C VAL A 820 4.48 76.52 16.51
N LEU A 821 5.60 76.32 17.21
CA LEU A 821 6.50 77.44 17.51
C LEU A 821 6.91 78.07 16.19
N ARG A 822 7.71 77.34 15.41
CA ARG A 822 8.18 77.81 14.11
C ARG A 822 7.11 78.54 13.32
N ASN A 823 5.87 78.05 13.40
CA ASN A 823 4.78 78.66 12.65
C ASN A 823 3.91 79.55 13.53
N TRP A 824 4.58 80.31 14.38
CA TRP A 824 3.92 81.23 15.27
C TRP A 824 4.22 82.61 14.71
N GLN A 825 3.22 83.50 14.70
CA GLN A 825 3.45 84.83 14.16
C GLN A 825 4.36 85.64 15.07
N TRP A 826 4.36 85.29 16.35
CA TRP A 826 5.20 86.00 17.32
C TRP A 826 6.60 85.42 17.40
N TRP A 827 6.80 84.23 16.85
CA TRP A 827 8.13 83.62 16.90
C TRP A 827 9.03 84.06 15.76
N LYS A 828 8.58 83.91 14.53
CA LYS A 828 9.42 84.32 13.41
C LYS A 828 9.72 85.78 13.65
N LEU A 829 8.73 86.48 14.18
CA LEU A 829 8.90 87.89 14.50
C LEU A 829 10.07 87.93 15.47
N TYR A 830 9.84 87.42 16.68
CA TYR A 830 10.86 87.38 17.72
C TYR A 830 12.19 86.83 17.19
N SER A 831 12.19 85.58 16.73
CA SER A 831 13.41 84.95 16.24
C SER A 831 14.12 85.76 15.15
N LYS A 832 13.42 86.73 14.58
CA LYS A 832 14.00 87.59 13.55
C LYS A 832 14.60 88.80 14.25
N VAL A 833 14.01 89.12 15.38
CA VAL A 833 14.40 90.26 16.20
C VAL A 833 15.76 90.12 16.91
N LYS A 834 16.72 89.34 16.38
CA LYS A 834 17.97 89.25 17.14
C LYS A 834 19.43 89.05 16.64
N PRO A 835 19.67 88.81 15.34
CA PRO A 835 21.12 88.66 15.09
C PRO A 835 21.92 89.89 15.53
N LEU A 836 21.44 91.08 15.19
CA LEU A 836 22.08 92.35 15.53
C LEU A 836 23.57 92.31 15.85
N PRO B 13 16.02 79.04 32.35
CA PRO B 13 15.72 80.49 32.52
C PRO B 13 16.79 81.27 33.28
N GLN B 14 17.88 81.63 32.60
CA GLN B 14 18.97 82.36 33.26
C GLN B 14 19.58 83.57 32.54
N LYS B 15 20.65 83.34 31.78
CA LYS B 15 21.37 84.40 31.07
C LYS B 15 20.71 85.06 29.87
N GLN B 16 19.87 84.33 29.14
CA GLN B 16 19.22 84.92 27.97
C GLN B 16 17.93 85.65 28.32
N ILE B 17 17.56 85.64 29.59
CA ILE B 17 16.38 86.35 30.05
C ILE B 17 16.83 87.80 30.06
N GLN B 18 18.14 87.96 30.03
CA GLN B 18 18.79 89.26 30.00
C GLN B 18 18.91 89.56 28.51
N GLU B 19 18.96 88.50 27.71
CA GLU B 19 19.06 88.62 26.26
C GLU B 19 17.67 88.88 25.68
N MET B 20 16.65 88.56 26.48
CA MET B 20 15.28 88.81 26.07
C MET B 20 15.10 90.30 26.36
N LYS B 21 16.04 90.82 27.12
CA LYS B 21 16.08 92.22 27.50
C LYS B 21 16.92 92.92 26.43
N GLU B 22 17.79 92.14 25.79
CA GLU B 22 18.63 92.67 24.72
C GLU B 22 17.73 92.62 23.49
N ALA B 23 16.85 91.62 23.47
CA ALA B 23 15.88 91.46 22.39
C ALA B 23 14.64 92.17 22.91
N PHE B 24 14.90 93.28 23.58
CA PHE B 24 13.91 94.17 24.16
C PHE B 24 14.36 95.51 23.61
N SER B 25 15.61 95.52 23.15
CA SER B 25 16.25 96.70 22.57
C SER B 25 15.72 97.03 21.18
N MET B 26 15.21 96.02 20.48
CA MET B 26 14.66 96.24 19.15
C MET B 26 13.13 96.18 19.24
N ILE B 27 12.64 95.67 20.36
CA ILE B 27 11.21 95.61 20.63
C ILE B 27 10.86 97.07 20.67
N ASP B 28 11.64 97.73 21.51
CA ASP B 28 11.58 99.14 21.84
C ASP B 28 12.17 100.06 20.77
N VAL B 29 11.86 99.80 19.51
CA VAL B 29 12.39 100.63 18.43
C VAL B 29 12.24 102.12 18.75
N ASP B 30 11.03 102.53 19.15
CA ASP B 30 10.79 103.93 19.45
C ASP B 30 11.02 104.35 20.91
N ARG B 31 11.57 103.43 21.69
CA ARG B 31 11.92 103.69 23.09
C ARG B 31 10.85 104.25 24.05
N ASP B 32 9.99 103.39 24.58
CA ASP B 32 8.99 103.83 25.54
C ASP B 32 8.81 102.75 26.60
N GLY B 33 9.83 101.88 26.71
CA GLY B 33 9.78 100.81 27.67
C GLY B 33 8.52 99.99 27.49
N PHE B 34 7.99 100.04 26.28
CA PHE B 34 6.77 99.32 25.95
C PHE B 34 6.61 99.28 24.45
N VAL B 35 5.58 98.59 23.99
CA VAL B 35 5.35 98.47 22.57
C VAL B 35 3.85 98.44 22.25
N SER B 36 3.37 99.52 21.65
CA SER B 36 1.96 99.63 21.30
C SER B 36 1.55 98.52 20.34
N LYS B 37 0.24 98.40 20.12
CA LYS B 37 -0.32 97.39 19.24
C LYS B 37 0.24 97.48 17.83
N GLU B 38 1.07 98.51 17.60
CA GLU B 38 1.67 98.73 16.28
C GLU B 38 3.18 98.89 16.36
N ASP B 39 3.70 99.07 17.58
CA ASP B 39 5.13 99.22 17.80
C ASP B 39 5.75 97.95 17.19
N ILE B 40 5.06 96.85 17.44
CA ILE B 40 5.43 95.51 16.97
C ILE B 40 5.47 95.41 15.46
N LYS B 41 4.40 95.90 14.82
CA LYS B 41 4.29 95.86 13.37
C LYS B 41 5.30 96.79 12.71
N ALA B 42 5.77 97.78 13.47
CA ALA B 42 6.76 98.72 12.96
C ALA B 42 8.10 98.02 12.81
N ILE B 43 8.48 97.26 13.84
CA ILE B 43 9.72 96.50 13.83
C ILE B 43 9.64 95.42 12.77
N SER B 44 8.45 94.83 12.64
CA SER B 44 8.22 93.77 11.66
C SER B 44 8.33 94.32 10.24
N GLU B 45 7.69 95.47 10.01
CA GLU B 45 7.70 96.11 8.69
C GLU B 45 9.10 96.57 8.29
N GLN B 46 9.92 96.91 9.28
CA GLN B 46 11.27 97.40 9.00
C GLN B 46 12.23 96.32 8.48
N LEU B 47 11.80 95.07 8.47
CA LEU B 47 12.68 94.00 8.01
C LEU B 47 12.09 92.94 7.08
N GLY B 48 10.89 92.45 7.37
CA GLY B 48 10.32 91.42 6.52
C GLY B 48 8.94 91.64 5.94
N ARG B 49 7.95 91.00 6.55
CA ARG B 49 6.56 91.10 6.11
C ARG B 49 5.76 91.75 7.23
N ALA B 50 4.54 92.18 6.92
CA ALA B 50 3.74 92.86 7.94
C ALA B 50 2.46 92.21 8.44
N PRO B 51 2.43 91.91 9.75
CA PRO B 51 1.31 91.29 10.46
C PRO B 51 0.01 92.12 10.40
N ASP B 52 -1.12 91.44 10.53
CA ASP B 52 -2.46 92.04 10.48
C ASP B 52 -2.74 92.91 11.71
N ASP B 53 -3.62 93.91 11.57
CA ASP B 53 -3.98 94.74 12.72
C ASP B 53 -5.01 93.94 13.49
N LYS B 54 -5.70 93.06 12.77
CA LYS B 54 -6.68 92.22 13.42
C LYS B 54 -5.88 91.06 13.95
N GLU B 55 -4.58 91.12 13.68
CA GLU B 55 -3.62 90.16 14.19
C GLU B 55 -2.96 90.97 15.29
N LEU B 56 -3.56 92.12 15.56
CA LEU B 56 -3.09 93.04 16.59
C LEU B 56 -4.15 93.15 17.68
N THR B 57 -5.43 93.00 17.29
CA THR B 57 -6.53 93.10 18.25
C THR B 57 -7.02 91.73 18.74
N ALA B 58 -7.17 90.78 17.80
CA ALA B 58 -7.63 89.44 18.13
C ALA B 58 -6.73 88.72 19.12
N MET B 59 -5.57 89.32 19.40
CA MET B 59 -4.62 88.73 20.33
C MET B 59 -4.51 89.60 21.58
N LEU B 60 -5.41 90.57 21.69
CA LEU B 60 -5.43 91.48 22.83
C LEU B 60 -5.51 90.73 24.15
N LYS B 61 -5.97 89.49 24.11
CA LYS B 61 -6.13 88.67 25.32
C LYS B 61 -4.99 87.79 25.82
N GLU B 62 -3.75 87.99 25.39
CA GLU B 62 -2.69 87.12 25.88
C GLU B 62 -1.69 87.82 26.81
N ALA B 63 -2.12 88.87 27.51
CA ALA B 63 -1.17 89.58 28.35
C ALA B 63 -1.46 89.88 29.83
N PRO B 64 -1.42 88.85 30.71
CA PRO B 64 -1.65 88.99 32.15
C PRO B 64 -0.67 90.02 32.73
N GLY B 65 -0.79 91.23 32.20
CA GLY B 65 0.05 92.36 32.52
C GLY B 65 0.26 92.84 31.11
N PRO B 66 -0.18 94.05 30.74
CA PRO B 66 0.01 94.52 29.35
C PRO B 66 1.23 94.01 28.58
N LEU B 67 2.33 94.75 28.57
CA LEU B 67 3.50 94.28 27.82
C LEU B 67 4.74 95.16 27.89
N ASN B 68 5.83 94.56 28.34
CA ASN B 68 7.13 95.22 28.43
C ASN B 68 8.10 94.09 28.11
N PHE B 69 9.23 94.05 28.80
CA PHE B 69 10.20 93.00 28.58
C PHE B 69 9.88 91.85 29.53
N THR B 70 9.37 92.21 30.70
CA THR B 70 9.01 91.23 31.73
C THR B 70 7.56 90.79 31.55
N MET B 71 7.14 90.80 30.29
CA MET B 71 5.79 90.38 29.91
C MET B 71 5.93 89.74 28.54
N PHE B 72 7.10 89.95 27.95
CA PHE B 72 7.42 89.37 26.65
C PHE B 72 7.90 87.97 27.02
N LEU B 73 8.55 87.89 28.18
CA LEU B 73 9.03 86.64 28.70
C LEU B 73 7.81 85.79 29.07
N SER B 74 7.00 86.33 29.97
CA SER B 74 5.81 85.67 30.49
C SER B 74 4.56 85.49 29.62
N ILE B 75 4.60 85.88 28.36
CA ILE B 75 3.45 85.69 27.48
C ILE B 75 3.92 84.71 26.42
N PHE B 76 5.08 84.14 26.70
CA PHE B 76 5.71 83.17 25.83
C PHE B 76 5.87 81.86 26.59
N SER B 77 5.79 81.94 27.92
CA SER B 77 5.90 80.76 28.75
C SER B 77 4.61 79.93 28.67
N ASP B 78 3.80 80.21 27.65
CA ASP B 78 2.56 79.49 27.44
C ASP B 78 2.80 78.54 26.26
N LYS B 79 3.86 78.83 25.50
CA LYS B 79 4.23 78.02 24.34
C LYS B 79 5.45 77.14 24.61
N LEU B 80 6.43 77.67 25.32
CA LEU B 80 7.63 76.92 25.64
C LEU B 80 7.33 75.98 26.81
N SER B 81 6.04 75.79 27.09
CA SER B 81 5.60 74.94 28.20
C SER B 81 5.07 73.58 27.74
N GLY B 82 5.77 72.52 28.13
CA GLY B 82 5.37 71.18 27.76
C GLY B 82 6.45 70.50 26.95
N THR B 83 7.67 71.02 27.06
CA THR B 83 8.81 70.48 26.35
C THR B 83 9.62 69.50 27.17
N ASP B 84 10.45 68.73 26.48
CA ASP B 84 11.32 67.78 27.12
C ASP B 84 12.74 68.17 26.72
N SER B 85 13.71 67.75 27.51
CA SER B 85 15.12 68.08 27.26
C SER B 85 15.74 67.71 25.92
N GLU B 86 17.05 67.87 25.86
CA GLU B 86 17.84 67.56 24.67
C GLU B 86 18.31 66.13 24.78
N GLU B 87 18.50 65.65 26.00
CA GLU B 87 18.94 64.28 26.20
C GLU B 87 17.73 63.37 26.26
N THR B 88 16.58 63.91 26.67
CA THR B 88 15.37 63.11 26.75
C THR B 88 14.85 62.76 25.35
N ILE B 89 15.01 63.70 24.42
CA ILE B 89 14.56 63.48 23.05
C ILE B 89 15.56 62.60 22.29
N ARG B 90 16.84 62.88 22.49
CA ARG B 90 17.91 62.14 21.83
C ARG B 90 18.05 60.73 22.44
N ASN B 91 17.04 60.34 23.22
CA ASN B 91 17.02 59.01 23.83
C ASN B 91 15.76 58.32 23.37
N ALA B 92 14.72 59.11 23.11
CA ALA B 92 13.47 58.58 22.63
C ALA B 92 13.80 58.07 21.23
N PHE B 93 14.62 58.84 20.51
CA PHE B 93 15.07 58.48 19.18
C PHE B 93 16.04 57.32 19.28
N ALA B 94 16.71 57.23 20.42
CA ALA B 94 17.68 56.17 20.65
C ALA B 94 16.97 54.86 20.97
N MET B 95 15.65 54.92 21.12
CA MET B 95 14.86 53.73 21.40
C MET B 95 14.55 52.97 20.12
N PHE B 96 14.94 53.56 18.99
CA PHE B 96 14.71 52.91 17.72
C PHE B 96 16.05 52.73 17.00
N ASP B 97 17.11 52.58 17.77
CA ASP B 97 18.45 52.38 17.20
C ASP B 97 19.31 51.51 18.10
N GLU B 98 18.89 50.26 18.26
CA GLU B 98 19.58 49.29 19.10
C GLU B 98 21.06 49.09 18.77
N GLN B 99 21.46 49.41 17.54
CA GLN B 99 22.85 49.24 17.14
C GLN B 99 23.71 50.46 17.42
N GLU B 100 23.15 51.42 18.16
CA GLU B 100 23.84 52.65 18.55
C GLU B 100 24.59 53.38 17.44
N THR B 101 23.99 53.43 16.25
CA THR B 101 24.60 54.12 15.12
C THR B 101 24.33 55.62 15.12
N LYS B 102 23.52 56.07 16.07
CA LYS B 102 23.17 57.48 16.14
C LYS B 102 22.44 57.85 14.87
N LYS B 103 21.70 56.89 14.32
CA LYS B 103 20.96 57.12 13.08
C LYS B 103 19.81 56.15 12.80
N LEU B 104 18.64 56.71 12.49
CA LEU B 104 17.47 55.92 12.13
C LEU B 104 17.46 55.97 10.61
N ASN B 105 16.86 54.99 9.97
CA ASN B 105 16.78 55.02 8.52
C ASN B 105 15.63 55.96 8.21
N ILE B 106 15.60 56.50 7.01
CA ILE B 106 14.57 57.47 6.67
C ILE B 106 13.16 56.89 6.57
N GLU B 107 12.98 55.86 5.77
CA GLU B 107 11.66 55.26 5.62
C GLU B 107 11.15 54.76 6.97
N TYR B 108 12.06 54.40 7.87
CA TYR B 108 11.68 53.90 9.18
C TYR B 108 11.06 54.96 10.08
N ILE B 109 11.80 56.04 10.35
CA ILE B 109 11.27 57.09 11.20
C ILE B 109 9.97 57.62 10.61
N LYS B 110 9.94 57.78 9.28
CA LYS B 110 8.75 58.27 8.60
C LYS B 110 7.57 57.34 8.89
N ASP B 111 7.77 56.05 8.66
CA ASP B 111 6.70 55.10 8.93
C ASP B 111 6.33 55.25 10.40
N LEU B 112 7.35 55.30 11.24
CA LEU B 112 7.14 55.45 12.68
C LEU B 112 6.25 56.62 13.07
N LEU B 113 6.48 57.77 12.43
CA LEU B 113 5.72 58.98 12.74
C LEU B 113 4.35 59.06 12.08
N GLU B 114 4.26 58.55 10.85
CA GLU B 114 3.02 58.60 10.10
C GLU B 114 1.98 57.53 10.39
N ASN B 115 2.42 56.30 10.68
CA ASN B 115 1.50 55.19 10.91
C ASN B 115 1.38 54.58 12.30
N MET B 116 2.06 55.15 13.29
CA MET B 116 1.98 54.62 14.64
C MET B 116 1.86 55.81 15.59
N GLY B 117 1.55 55.54 16.86
CA GLY B 117 1.41 56.63 17.82
C GLY B 117 0.29 57.58 17.44
N ASP B 118 0.53 58.87 17.58
CA ASP B 118 -0.47 59.86 17.22
C ASP B 118 -0.22 60.32 15.78
N ASN B 119 -0.38 59.37 14.86
CA ASN B 119 -0.17 59.56 13.43
C ASN B 119 -0.11 60.98 12.92
N PHE B 120 1.03 61.33 12.31
CA PHE B 120 1.21 62.64 11.73
C PHE B 120 0.36 62.64 10.48
N ASN B 121 -0.06 63.81 10.05
CA ASN B 121 -0.86 63.91 8.85
C ASN B 121 0.03 64.36 7.71
N LYS B 122 -0.46 64.11 6.49
CA LYS B 122 0.23 64.45 5.26
C LYS B 122 1.04 65.74 5.35
N ASP B 123 0.50 66.72 6.06
CA ASP B 123 1.14 68.03 6.23
C ASP B 123 2.28 68.04 7.24
N GLU B 124 1.97 67.74 8.50
CA GLU B 124 2.98 67.71 9.55
C GLU B 124 4.19 66.94 9.03
N MET B 125 3.94 65.91 8.22
CA MET B 125 5.00 65.12 7.62
C MET B 125 5.75 66.03 6.66
N ARG B 126 5.04 66.46 5.63
CA ARG B 126 5.59 67.35 4.60
C ARG B 126 6.42 68.45 5.26
N MET B 127 5.98 68.92 6.41
CA MET B 127 6.65 70.00 7.13
C MET B 127 7.84 69.58 7.98
N THR B 128 7.79 68.38 8.57
CA THR B 128 8.87 67.93 9.42
C THR B 128 10.12 67.54 8.65
N PHE B 129 9.94 66.94 7.48
CA PHE B 129 11.08 66.52 6.69
C PHE B 129 11.61 67.58 5.73
N LYS B 130 10.86 68.67 5.58
CA LYS B 130 11.27 69.74 4.70
C LYS B 130 12.70 70.19 5.00
N GLU B 131 13.03 70.28 6.29
CA GLU B 131 14.35 70.72 6.72
C GLU B 131 15.10 69.66 7.55
N ALA B 132 14.67 68.40 7.46
CA ALA B 132 15.29 67.32 8.22
C ALA B 132 16.65 66.90 7.64
N PRO B 133 17.64 66.64 8.51
CA PRO B 133 18.99 66.24 8.11
C PRO B 133 19.09 64.80 7.65
N VAL B 134 19.13 64.58 6.34
CA VAL B 134 19.22 63.23 5.82
C VAL B 134 20.31 63.07 4.77
N GLU B 135 21.29 62.23 5.08
CA GLU B 135 22.39 61.97 4.18
C GLU B 135 22.37 60.50 3.78
N GLY B 136 22.41 60.24 2.48
CA GLY B 136 22.40 58.88 1.97
C GLY B 136 21.47 57.91 2.67
N GLY B 137 20.20 58.29 2.83
CA GLY B 137 19.22 57.41 3.46
C GLY B 137 19.09 57.44 4.98
N LYS B 138 20.14 57.86 5.68
CA LYS B 138 20.08 57.90 7.14
C LYS B 138 19.66 59.27 7.67
N PHE B 139 18.74 59.25 8.64
CA PHE B 139 18.22 60.45 9.30
C PHE B 139 18.96 60.59 10.63
N ASP B 140 19.66 61.71 10.82
CA ASP B 140 20.40 61.93 12.05
C ASP B 140 19.50 62.53 13.12
N TYR B 141 19.11 61.72 14.10
CA TYR B 141 18.25 62.18 15.17
C TYR B 141 19.01 63.01 16.20
N VAL B 142 20.33 62.87 16.21
CA VAL B 142 21.15 63.63 17.15
C VAL B 142 21.11 65.08 16.67
N LYS B 143 21.62 65.31 15.46
CA LYS B 143 21.64 66.63 14.86
C LYS B 143 20.22 67.16 14.77
N PHE B 144 19.30 66.31 14.29
CA PHE B 144 17.91 66.73 14.17
C PHE B 144 17.43 67.23 15.53
N THR B 145 17.79 66.48 16.59
CA THR B 145 17.41 66.83 17.94
C THR B 145 17.80 68.26 18.33
N ALA B 146 19.03 68.65 17.98
CA ALA B 146 19.53 69.98 18.29
C ALA B 146 18.66 71.05 17.64
N MET B 147 18.35 70.84 16.36
CA MET B 147 17.51 71.78 15.62
C MET B 147 16.28 72.05 16.47
N ILE B 148 15.61 70.98 16.85
CA ILE B 148 14.40 71.07 17.66
C ILE B 148 14.60 71.71 19.04
N LYS B 149 15.84 71.81 19.50
CA LYS B 149 16.05 72.39 20.82
C LYS B 149 16.87 73.67 20.91
N GLY B 150 17.04 74.36 19.78
CA GLY B 150 17.79 75.61 19.79
C GLY B 150 19.29 75.49 20.00
N SER B 151 19.80 74.26 19.98
CA SER B 151 21.23 74.02 20.14
C SER B 151 21.84 74.04 18.74
N GLY B 152 20.96 73.89 17.76
CA GLY B 152 21.38 73.92 16.38
C GLY B 152 20.66 75.11 15.82
N GLU B 153 20.22 75.01 14.58
CA GLU B 153 19.50 76.11 13.95
C GLU B 153 18.34 75.53 13.14
N GLU B 154 17.22 76.23 13.14
CA GLU B 154 16.06 75.80 12.40
C GLU B 154 16.21 76.21 10.94
N PRO C 1 -12.96 31.26 30.25
CA PRO C 1 -14.39 31.54 30.00
C PRO C 1 -14.77 32.92 30.54
N LYS C 2 -15.24 32.99 31.79
CA LYS C 2 -15.57 34.30 32.35
C LYS C 2 -14.25 34.86 32.84
N LEU C 3 -14.10 36.18 32.73
CA LEU C 3 -12.84 36.80 33.12
C LEU C 3 -12.78 37.67 34.36
N SER C 4 -11.69 37.49 35.10
CA SER C 4 -11.41 38.24 36.30
C SER C 4 -11.31 39.71 35.85
N GLN C 5 -12.03 40.61 36.52
CA GLN C 5 -11.96 42.01 36.14
C GLN C 5 -10.53 42.47 36.29
N ASP C 6 -9.71 41.62 36.89
CA ASP C 6 -8.29 41.89 37.08
C ASP C 6 -7.58 41.39 35.84
N GLU C 7 -7.96 40.19 35.40
CA GLU C 7 -7.39 39.56 34.22
C GLU C 7 -7.92 40.34 33.02
N ILE C 8 -8.83 41.27 33.27
CA ILE C 8 -9.40 42.12 32.23
C ILE C 8 -8.62 43.43 32.25
N ASP C 9 -8.07 43.75 33.42
CA ASP C 9 -7.30 44.97 33.56
C ASP C 9 -5.95 44.78 32.86
N ASP C 10 -5.47 43.54 32.86
CA ASP C 10 -4.20 43.24 32.20
C ASP C 10 -4.37 43.38 30.69
N LEU C 11 -5.53 42.97 30.20
CA LEU C 11 -5.86 43.02 28.78
C LEU C 11 -6.00 44.43 28.21
N LYS C 12 -6.68 45.31 28.94
CA LYS C 12 -6.83 46.68 28.47
C LYS C 12 -5.40 47.19 28.35
N ASP C 13 -4.62 46.93 29.40
CA ASP C 13 -3.20 47.34 29.44
C ASP C 13 -2.56 47.03 28.10
N VAL C 14 -2.57 45.76 27.74
CA VAL C 14 -1.96 45.34 26.50
C VAL C 14 -2.73 45.82 25.27
N PHE C 15 -4.06 45.69 25.30
CA PHE C 15 -4.86 46.14 24.16
C PHE C 15 -4.49 47.56 23.80
N GLU C 16 -4.35 48.42 24.81
CA GLU C 16 -3.99 49.81 24.59
C GLU C 16 -2.67 49.94 23.84
N LEU C 17 -1.61 49.39 24.42
CA LEU C 17 -0.29 49.45 23.80
C LEU C 17 -0.41 49.14 22.32
N PHE C 18 -1.04 48.02 22.00
CA PHE C 18 -1.19 47.64 20.60
C PHE C 18 -2.04 48.59 19.79
N ASP C 19 -3.10 49.13 20.37
CA ASP C 19 -3.92 50.08 19.62
C ASP C 19 -2.98 51.18 19.16
N PHE C 20 -2.11 51.59 20.09
CA PHE C 20 -1.13 52.63 19.86
C PHE C 20 -0.16 52.33 18.72
N TRP C 21 0.41 51.13 18.70
CA TRP C 21 1.39 50.82 17.67
C TRP C 21 0.95 50.71 16.21
N ASP C 22 -0.24 51.20 15.92
CA ASP C 22 -0.75 51.28 14.56
C ASP C 22 -1.66 52.51 14.55
N GLY C 23 -1.32 53.44 15.45
CA GLY C 23 -2.04 54.68 15.61
C GLY C 23 -3.10 54.65 16.69
N ARG C 24 -3.01 55.49 17.72
CA ARG C 24 -4.02 55.49 18.78
C ARG C 24 -5.38 55.87 18.22
N ASP C 25 -6.35 54.98 18.42
CA ASP C 25 -7.70 55.23 17.92
C ASP C 25 -8.69 54.18 18.43
N GLY C 26 -8.38 53.58 19.57
CA GLY C 26 -9.26 52.59 20.17
C GLY C 26 -9.49 51.32 19.37
N ALA C 27 -8.68 51.10 18.34
CA ALA C 27 -8.83 49.90 17.51
C ALA C 27 -7.52 49.14 17.47
N VAL C 28 -7.59 47.88 17.04
CA VAL C 28 -6.40 47.05 16.93
C VAL C 28 -6.58 46.16 15.72
N ASP C 29 -5.59 46.18 14.84
CA ASP C 29 -5.65 45.37 13.63
C ASP C 29 -5.84 43.91 14.02
N ALA C 30 -6.87 43.27 13.46
CA ALA C 30 -7.14 41.88 13.76
C ALA C 30 -5.85 41.07 13.68
N PHE C 31 -5.03 41.35 12.67
CA PHE C 31 -3.76 40.67 12.44
C PHE C 31 -2.75 40.96 13.56
N LYS C 32 -3.26 41.23 14.74
CA LYS C 32 -2.43 41.49 15.91
C LYS C 32 -3.12 40.80 17.09
N LEU C 33 -4.40 40.50 16.89
CA LEU C 33 -5.22 39.83 17.89
C LEU C 33 -4.49 38.66 18.52
N GLY C 34 -3.84 37.86 17.68
CA GLY C 34 -3.10 36.74 18.22
C GLY C 34 -2.00 37.28 19.10
N ASP C 35 -1.14 38.11 18.51
CA ASP C 35 -0.02 38.71 19.22
C ASP C 35 -0.40 39.35 20.54
N VAL C 36 -1.57 39.99 20.60
CA VAL C 36 -1.96 40.63 21.84
C VAL C 36 -2.23 39.59 22.91
N CYS C 37 -2.88 38.49 22.52
CA CYS C 37 -3.17 37.43 23.47
C CYS C 37 -1.87 36.83 23.96
N ARG C 38 -0.92 36.65 23.05
CA ARG C 38 0.38 36.08 23.40
C ARG C 38 1.03 36.90 24.50
N CYS C 39 0.91 38.22 24.40
CA CYS C 39 1.49 39.10 25.40
C CYS C 39 0.82 38.92 26.75
N LEU C 40 -0.24 38.12 26.78
CA LEU C 40 -0.95 37.87 28.03
C LEU C 40 -0.58 36.54 28.66
N GLY C 41 -0.06 35.61 27.86
CA GLY C 41 0.34 34.31 28.39
C GLY C 41 -0.42 33.17 27.74
N ILE C 42 -1.22 33.52 26.75
CA ILE C 42 -2.01 32.54 26.01
C ILE C 42 -1.12 32.16 24.82
N ASN C 43 -1.10 30.89 24.44
CA ASN C 43 -0.27 30.46 23.32
C ASN C 43 -1.07 29.90 22.16
N PRO C 44 -1.98 30.71 21.59
CA PRO C 44 -2.85 30.37 20.46
C PRO C 44 -2.16 29.71 19.28
N ARG C 45 -2.94 29.02 18.48
CA ARG C 45 -2.43 28.40 17.27
C ARG C 45 -3.04 29.27 16.17
N ASN C 46 -2.38 29.37 15.03
CA ASN C 46 -2.92 30.17 13.94
C ASN C 46 -4.36 29.80 13.69
N GLU C 47 -4.60 28.51 13.53
CA GLU C 47 -5.94 28.02 13.31
C GLU C 47 -6.87 28.58 14.37
N ASP C 48 -6.37 28.66 15.60
CA ASP C 48 -7.18 29.18 16.70
C ASP C 48 -7.56 30.64 16.48
N VAL C 49 -6.58 31.50 16.25
CA VAL C 49 -6.85 32.92 16.03
C VAL C 49 -7.67 33.25 14.78
N PHE C 50 -7.36 32.61 13.65
CA PHE C 50 -8.14 32.86 12.43
C PHE C 50 -9.58 32.47 12.70
N ALA C 51 -9.75 31.54 13.64
CA ALA C 51 -11.06 31.01 13.99
C ALA C 51 -11.93 31.91 14.87
N VAL C 52 -11.33 32.92 15.49
CA VAL C 52 -12.09 33.83 16.32
C VAL C 52 -12.18 35.23 15.72
N GLY C 53 -11.72 35.39 14.50
CA GLY C 53 -11.77 36.67 13.84
C GLY C 53 -10.44 37.16 13.30
N GLY C 54 -9.34 36.55 13.77
CA GLY C 54 -8.03 36.96 13.31
C GLY C 54 -7.96 36.96 11.79
N THR C 55 -7.05 37.75 11.23
CA THR C 55 -6.92 37.82 9.77
C THR C 55 -5.50 37.49 9.33
N HIS C 56 -5.30 37.40 8.02
CA HIS C 56 -3.99 37.05 7.47
C HIS C 56 -3.10 38.24 7.16
N LYS C 57 -3.70 39.33 6.70
CA LYS C 57 -2.93 40.52 6.33
C LYS C 57 -3.18 41.75 7.19
N MET C 58 -2.25 42.69 7.12
CA MET C 58 -2.35 43.94 7.86
C MET C 58 -3.32 44.87 7.15
N GLY C 59 -4.39 45.28 7.84
CA GLY C 59 -5.33 46.21 7.23
C GLY C 59 -6.55 45.65 6.52
N GLU C 60 -7.20 44.66 7.13
CA GLU C 60 -8.41 44.09 6.55
C GLU C 60 -9.56 44.33 7.52
N LYS C 61 -9.32 44.03 8.79
CA LYS C 61 -10.30 44.20 9.85
C LYS C 61 -9.63 45.00 10.99
N SER C 62 -10.43 45.65 11.82
CA SER C 62 -9.92 46.43 12.95
C SER C 62 -10.87 46.26 14.13
N LEU C 63 -10.33 46.02 15.32
CA LEU C 63 -11.17 45.74 16.46
C LEU C 63 -11.18 46.59 17.73
N PRO C 64 -12.35 47.15 18.06
CA PRO C 64 -12.44 47.96 19.29
C PRO C 64 -12.11 47.00 20.42
N PHE C 65 -11.95 47.54 21.63
CA PHE C 65 -11.66 46.70 22.78
C PHE C 65 -12.86 45.77 22.99
N GLU C 66 -14.04 46.37 22.84
CA GLU C 66 -15.30 45.67 23.01
C GLU C 66 -15.31 44.26 22.42
N GLU C 67 -14.68 44.09 21.26
CA GLU C 67 -14.62 42.79 20.60
C GLU C 67 -13.41 41.96 21.00
N PHE C 68 -12.37 42.61 21.50
CA PHE C 68 -11.18 41.88 21.90
C PHE C 68 -11.51 40.91 23.03
N LEU C 69 -12.27 41.38 24.01
CA LEU C 69 -12.63 40.55 25.15
C LEU C 69 -13.26 39.23 24.68
N PRO C 70 -14.43 39.29 24.01
CA PRO C 70 -15.00 38.02 23.56
C PRO C 70 -13.96 37.14 22.86
N ALA C 71 -13.20 37.75 21.95
CA ALA C 71 -12.17 37.03 21.22
C ALA C 71 -11.13 36.47 22.17
N TYR C 72 -10.70 37.27 23.13
CA TYR C 72 -9.70 36.81 24.08
C TYR C 72 -10.17 35.65 24.94
N GLU C 73 -11.34 35.78 25.54
CA GLU C 73 -11.88 34.71 26.38
C GLU C 73 -12.01 33.41 25.60
N GLY C 74 -12.05 33.53 24.27
CA GLY C 74 -12.17 32.34 23.44
C GLY C 74 -10.85 31.61 23.36
N LEU C 75 -9.78 32.36 23.12
CA LEU C 75 -8.45 31.79 23.00
C LEU C 75 -8.02 31.08 24.27
N MET C 76 -8.60 31.45 25.41
CA MET C 76 -8.24 30.82 26.67
C MET C 76 -8.71 29.38 26.78
N ASP C 77 -9.83 29.06 26.15
CA ASP C 77 -10.35 27.70 26.20
C ASP C 77 -9.77 26.82 25.10
N CYS C 78 -8.54 27.11 24.69
CA CYS C 78 -7.88 26.33 23.67
C CYS C 78 -6.84 25.42 24.27
N GLU C 79 -6.27 24.56 23.43
CA GLU C 79 -5.26 23.61 23.86
C GLU C 79 -3.87 24.22 23.99
N GLN C 80 -3.28 24.02 25.16
CA GLN C 80 -1.94 24.53 25.44
C GLN C 80 -1.06 23.31 25.73
N GLY C 81 -0.11 23.03 24.84
CA GLY C 81 0.77 21.89 25.01
C GLY C 81 1.47 21.76 26.35
N THR C 82 1.62 20.53 26.83
CA THR C 82 2.28 20.28 28.10
C THR C 82 3.70 19.80 27.85
N PHE C 83 4.49 19.71 28.92
CA PHE C 83 5.86 19.25 28.77
C PHE C 83 5.87 17.93 28.01
N ALA C 84 5.17 16.94 28.57
CA ALA C 84 5.08 15.62 27.96
C ALA C 84 4.60 15.68 26.50
N ASP C 85 3.52 16.42 26.25
CA ASP C 85 3.00 16.54 24.88
C ASP C 85 4.14 16.83 23.92
N TYR C 86 5.02 17.75 24.30
CA TYR C 86 6.14 18.12 23.45
C TYR C 86 7.21 17.03 23.44
N MET C 87 7.56 16.54 24.63
CA MET C 87 8.58 15.51 24.73
C MET C 87 8.32 14.30 23.85
N GLU C 88 7.21 13.61 24.07
CA GLU C 88 6.89 12.45 23.27
C GLU C 88 6.92 12.85 21.79
N ALA C 89 6.46 14.07 21.53
CA ALA C 89 6.42 14.60 20.18
C ALA C 89 7.80 14.57 19.54
N PHE C 90 8.76 15.19 20.21
CA PHE C 90 10.13 15.23 19.71
C PHE C 90 10.72 13.83 19.72
N LYS C 91 10.47 13.10 20.80
CA LYS C 91 10.97 11.73 20.94
C LYS C 91 10.79 10.88 19.70
N THR C 92 9.83 11.27 18.85
CA THR C 92 9.54 10.52 17.63
C THR C 92 10.46 10.83 16.46
N PHE C 93 11.54 11.55 16.70
CA PHE C 93 12.49 11.85 15.64
C PHE C 93 13.82 11.29 16.08
N ASP C 94 13.87 10.99 17.38
CA ASP C 94 15.03 10.44 18.04
C ASP C 94 15.03 8.91 17.89
N ARG C 95 15.80 8.41 16.93
CA ARG C 95 15.89 6.97 16.70
C ARG C 95 16.50 6.28 17.91
N GLU C 96 17.77 6.58 18.16
CA GLU C 96 18.52 6.01 19.28
C GLU C 96 17.66 5.97 20.53
N GLY C 97 17.55 7.12 21.19
CA GLY C 97 16.77 7.23 22.41
C GLY C 97 17.52 8.02 23.47
N GLN C 98 18.66 8.59 23.07
CA GLN C 98 19.49 9.38 23.97
C GLN C 98 18.98 10.80 24.20
N GLY C 99 18.11 11.27 23.33
CA GLY C 99 17.57 12.62 23.51
C GLY C 99 18.22 13.69 22.65
N PHE C 100 18.74 13.28 21.50
CA PHE C 100 19.39 14.21 20.59
C PHE C 100 18.62 14.19 19.29
N ILE C 101 19.00 15.09 18.38
CA ILE C 101 18.35 15.17 17.09
C ILE C 101 19.07 16.17 16.20
N SER C 102 19.28 15.77 14.95
CA SER C 102 19.93 16.60 13.97
C SER C 102 19.31 17.98 14.01
N GLY C 103 20.11 18.99 14.31
CA GLY C 103 19.60 20.35 14.36
C GLY C 103 18.87 20.63 13.06
N ALA C 104 19.34 19.99 12.00
CA ALA C 104 18.74 20.13 10.68
C ALA C 104 17.31 19.64 10.79
N GLU C 105 17.16 18.42 11.30
CA GLU C 105 15.85 17.82 11.50
C GLU C 105 15.02 18.84 12.27
N LEU C 106 15.51 19.27 13.43
CA LEU C 106 14.80 20.25 14.23
C LEU C 106 14.36 21.46 13.41
N ARG C 107 15.27 21.97 12.57
CA ARG C 107 14.97 23.12 11.72
C ARG C 107 13.84 22.71 10.76
N HIS C 108 13.88 21.44 10.36
CA HIS C 108 12.90 20.85 9.44
C HIS C 108 11.53 20.74 10.12
N VAL C 109 11.51 20.16 11.32
CA VAL C 109 10.27 19.99 12.07
C VAL C 109 9.51 21.30 12.18
N LEU C 110 10.20 22.34 12.65
CA LEU C 110 9.61 23.66 12.87
C LEU C 110 9.27 24.48 11.63
N THR C 111 10.04 24.34 10.55
CA THR C 111 9.78 25.13 9.36
C THR C 111 9.03 24.35 8.29
N ALA C 112 8.92 23.04 8.47
CA ALA C 112 8.25 22.18 7.51
C ALA C 112 6.96 21.53 8.00
N LEU C 113 6.89 21.21 9.28
CA LEU C 113 5.71 20.55 9.82
C LEU C 113 4.75 21.46 10.58
N GLY C 114 3.57 20.92 10.87
CA GLY C 114 2.55 21.67 11.57
C GLY C 114 2.31 22.96 10.80
N GLU C 115 2.12 24.06 11.51
CA GLU C 115 1.95 25.35 10.87
C GLU C 115 3.33 25.99 10.88
N ARG C 116 4.08 25.69 9.83
CA ARG C 116 5.44 26.16 9.63
C ARG C 116 5.84 27.48 10.29
N LEU C 117 7.09 27.53 10.71
CA LEU C 117 7.67 28.69 11.36
C LEU C 117 8.63 29.31 10.34
N SER C 118 8.70 30.63 10.29
CA SER C 118 9.59 31.31 9.36
C SER C 118 11.02 31.12 9.85
N ASP C 119 11.95 30.85 8.93
CA ASP C 119 13.34 30.66 9.31
C ASP C 119 13.82 31.80 10.20
N GLU C 120 13.43 33.02 9.85
CA GLU C 120 13.81 34.18 10.64
C GLU C 120 13.32 33.97 12.06
N ASP C 121 12.19 33.27 12.20
CA ASP C 121 11.62 33.00 13.51
C ASP C 121 12.31 31.87 14.26
N VAL C 122 12.85 30.90 13.53
CA VAL C 122 13.55 29.79 14.16
C VAL C 122 14.94 30.30 14.53
N ASP C 123 15.62 30.85 13.52
CA ASP C 123 16.94 31.40 13.70
C ASP C 123 16.92 32.28 14.94
N GLU C 124 15.81 32.98 15.10
CA GLU C 124 15.59 33.89 16.21
C GLU C 124 15.54 33.24 17.60
N ILE C 125 14.82 32.13 17.72
CA ILE C 125 14.69 31.47 19.02
C ILE C 125 15.83 30.53 19.40
N ILE C 126 16.77 30.31 18.49
CA ILE C 126 17.91 29.47 18.81
C ILE C 126 18.85 30.38 19.58
N LYS C 127 18.93 31.63 19.15
CA LYS C 127 19.80 32.61 19.79
C LYS C 127 19.21 33.03 21.13
N LEU C 128 17.92 33.36 21.14
CA LEU C 128 17.26 33.80 22.37
C LEU C 128 17.37 32.78 23.50
N THR C 129 16.99 31.53 23.20
CA THR C 129 17.06 30.46 24.20
C THR C 129 18.52 30.05 24.35
N ASP C 130 19.27 30.23 23.26
CA ASP C 130 20.69 29.88 23.21
C ASP C 130 20.87 28.38 23.09
N LEU C 131 20.39 27.82 21.98
CA LEU C 131 20.53 26.40 21.73
C LEU C 131 21.91 26.27 21.11
N GLN C 132 22.59 25.16 21.38
CA GLN C 132 23.93 24.95 20.83
C GLN C 132 24.13 23.49 20.47
N GLU C 133 24.35 23.23 19.18
CA GLU C 133 24.55 21.86 18.73
C GLU C 133 25.97 21.39 19.03
N ASP C 134 26.07 20.14 19.47
CA ASP C 134 27.36 19.55 19.81
C ASP C 134 28.21 19.47 18.55
N LEU C 135 29.44 19.01 18.72
CA LEU C 135 30.37 18.89 17.59
C LEU C 135 29.76 18.17 16.39
N GLU C 136 29.20 16.99 16.61
CA GLU C 136 28.60 16.22 15.53
C GLU C 136 27.45 16.93 14.81
N GLY C 137 26.81 17.87 15.49
CA GLY C 137 25.71 18.61 14.88
C GLY C 137 24.32 18.26 15.37
N ASN C 138 24.20 17.80 16.61
CA ASN C 138 22.91 17.43 17.15
C ASN C 138 22.54 18.24 18.39
N VAL C 139 21.25 18.36 18.65
CA VAL C 139 20.77 19.12 19.78
C VAL C 139 20.09 18.26 20.84
N LYS C 140 20.13 18.71 22.09
CA LYS C 140 19.47 17.99 23.17
C LYS C 140 18.16 18.74 23.33
N TYR C 141 17.13 18.27 22.65
CA TYR C 141 15.82 18.92 22.67
C TYR C 141 15.12 19.09 24.02
N GLU C 142 15.36 18.18 24.97
CA GLU C 142 14.70 18.35 26.25
C GLU C 142 14.98 19.76 26.76
N ASP C 143 16.22 20.21 26.59
CA ASP C 143 16.59 21.54 27.04
C ASP C 143 15.87 22.60 26.22
N PHE C 144 15.91 22.45 24.91
CA PHE C 144 15.25 23.41 24.02
C PHE C 144 13.77 23.53 24.32
N VAL C 145 13.19 22.49 24.90
CA VAL C 145 11.77 22.49 25.24
C VAL C 145 11.49 23.34 26.47
N LYS C 146 12.18 23.06 27.57
CA LYS C 146 11.98 23.80 28.79
C LYS C 146 12.38 25.26 28.65
N LYS C 147 13.29 25.55 27.73
CA LYS C 147 13.71 26.94 27.50
C LYS C 147 12.51 27.70 26.98
N VAL C 148 12.00 27.27 25.83
CA VAL C 148 10.86 27.90 25.20
C VAL C 148 9.74 28.00 26.23
N MET C 149 9.51 26.91 26.94
CA MET C 149 8.47 26.88 27.95
C MET C 149 8.80 27.86 29.07
N ALA C 150 10.06 27.92 29.45
CA ALA C 150 10.51 28.82 30.52
C ALA C 150 10.13 30.27 30.20
N GLY C 151 10.60 30.75 29.07
CA GLY C 151 10.30 32.12 28.67
C GLY C 151 11.53 33.01 28.60
N PRO C 152 11.39 34.18 27.96
CA PRO C 152 12.47 35.17 27.79
C PRO C 152 13.14 35.57 29.11
N TYR C 153 12.34 35.63 30.18
CA TYR C 153 12.86 35.99 31.48
C TYR C 153 12.50 34.88 32.49
N PRO C 154 13.47 34.01 32.80
CA PRO C 154 13.36 32.89 33.73
C PRO C 154 13.07 33.30 35.17
N ASP C 155 13.64 32.55 36.11
CA ASP C 155 13.48 32.83 37.53
C ASP C 155 14.69 32.27 38.27
S SO4 D . 1.69 -23.88 -15.59
O1 SO4 D . 1.31 -25.29 -15.82
O2 SO4 D . 1.02 -23.39 -14.36
O3 SO4 D . 3.15 -23.80 -15.41
O4 SO4 D . 1.28 -23.06 -16.73
PB ADP E . 9.52 -24.72 -21.33
O1B ADP E . 10.40 -23.69 -21.84
O2B ADP E . 9.14 -25.74 -22.49
O3B ADP E . 10.09 -25.52 -20.13
PA ADP E . 6.91 -23.48 -21.75
O1A ADP E . 7.03 -23.64 -23.27
O2A ADP E . 5.68 -24.22 -21.30
O3A ADP E . 8.13 -24.03 -20.97
O5' ADP E . 6.71 -21.91 -21.37
C5' ADP E . 7.68 -21.27 -20.45
C4' ADP E . 7.26 -19.78 -20.46
O4' ADP E . 6.97 -19.39 -19.12
C3' ADP E . 8.35 -18.81 -20.97
O3' ADP E . 7.85 -17.84 -21.91
C2' ADP E . 8.94 -18.17 -19.72
O2' ADP E . 9.50 -16.86 -19.95
C1' ADP E . 7.75 -18.22 -18.73
N9 ADP E . 8.10 -18.40 -17.26
C8 ADP E . 7.24 -18.91 -16.34
N7 ADP E . 7.80 -18.94 -15.14
C5 ADP E . 9.00 -18.45 -15.23
C6 ADP E . 10.06 -18.24 -14.32
N6 ADP E . 9.91 -18.55 -13.03
N1 ADP E . 11.26 -17.69 -14.76
C2 ADP E . 11.46 -17.35 -16.07
N3 ADP E . 10.45 -17.56 -16.96
C4 ADP E . 9.23 -18.10 -16.60
MG MG F . 5.57 103.30 21.67
CA CA G . -5.21 51.51 16.13
#